data_2DSJ
#
_entry.id   2DSJ
#
_cell.length_a   58.828
_cell.length_b   76.234
_cell.length_c   103.862
_cell.angle_alpha   90.00
_cell.angle_beta   91.26
_cell.angle_gamma   90.00
#
_symmetry.space_group_name_H-M   'P 1 21 1'
#
loop_
_entity.id
_entity.type
_entity.pdbx_description
1 polymer 'Pyrimidine-nucleoside (Thymidine) phosphorylase'
2 non-polymer 'CHLORIDE ION'
3 water water
#
_entity_poly.entity_id   1
_entity_poly.type   'polypeptide(L)'
_entity_poly.pdbx_seq_one_letter_code
;MNPVAFIREKREGKKHRREDLEAFLLGYLRDEVPDYQVSAWLMAAFLRGLDPEETLWLTETMARSGKVLDLSGLPHPVDK
HSSGGVGDKVSLVVGPILAASGCTFAKMSGRGLAHTGGTIDKLESVPGWRGEMTEAEFLERARRVGLVIAAQSPDLAPLD
GKLYALRDVTATVESVPLIASSIMSKKLAAGARSIVLDVKVGRGAFMKTLEEARLLAKTMVAIGQGAGRRVRALLTSMEA
PLGRAVGNAIEVREAIEALKGEGPGDLLEVALALAEEALRLEGLDPALARKALEGGAALEKFRAFLEAQGGDPRAVEDFS
LLPLAEEHPLRAEREGVVREVDAYKVGLAVLALGGGRKRKGEPIDHGVGVYLLKKPGDRVERGEALALVYHRRRGLEEAL
GHLREAYALGEEAHPAPLVLEAI
;
_entity_poly.pdbx_strand_id   A,B
#
# COMPACT_ATOMS: atom_id res chain seq x y z
N MET A 1 1.27 3.57 19.47
CA MET A 1 1.53 4.32 18.21
C MET A 1 0.35 4.20 17.26
N ASN A 2 0.01 5.32 16.63
CA ASN A 2 -1.10 5.37 15.68
C ASN A 2 -0.74 4.54 14.44
N PRO A 3 -1.73 3.84 13.85
CA PRO A 3 -1.49 3.02 12.66
C PRO A 3 -0.83 3.79 11.51
N VAL A 4 -1.31 5.00 11.26
CA VAL A 4 -0.72 5.80 10.19
C VAL A 4 0.73 6.12 10.52
N ALA A 5 1.01 6.34 11.80
CA ALA A 5 2.37 6.64 12.24
C ALA A 5 3.25 5.41 12.08
N PHE A 6 2.66 4.23 12.32
CA PHE A 6 3.40 2.98 12.20
C PHE A 6 3.79 2.77 10.73
N ILE A 7 2.83 2.96 9.83
CA ILE A 7 3.09 2.81 8.39
C ILE A 7 4.18 3.80 7.97
N ARG A 8 4.02 5.06 8.35
CA ARG A 8 4.99 6.09 7.99
C ARG A 8 6.40 5.76 8.46
N GLU A 9 6.50 5.23 9.67
CA GLU A 9 7.80 4.87 10.22
C GLU A 9 8.55 3.94 9.27
N LYS A 10 7.87 2.91 8.77
CA LYS A 10 8.51 1.97 7.86
C LYS A 10 8.71 2.61 6.49
N ARG A 11 7.75 3.42 6.05
CA ARG A 11 7.84 4.09 4.76
C ARG A 11 9.15 4.86 4.67
N GLU A 12 9.57 5.42 5.80
CA GLU A 12 10.81 6.18 5.87
C GLU A 12 12.04 5.32 6.12
N GLY A 13 11.86 4.00 6.10
CA GLY A 13 12.97 3.09 6.31
C GLY A 13 13.49 2.97 7.73
N LYS A 14 12.66 3.31 8.70
CA LYS A 14 13.07 3.20 10.10
C LYS A 14 12.78 1.81 10.63
N LYS A 15 13.46 1.45 11.72
CA LYS A 15 13.26 0.15 12.35
C LYS A 15 12.17 0.30 13.40
N HIS A 16 11.23 -0.64 13.44
CA HIS A 16 10.14 -0.60 14.41
C HIS A 16 10.58 -1.10 15.78
N ARG A 17 9.76 -0.77 16.78
CA ARG A 17 9.97 -1.22 18.15
C ARG A 17 9.10 -2.47 18.18
N ARG A 18 9.58 -3.55 18.78
CA ARG A 18 8.77 -4.76 18.80
C ARG A 18 7.40 -4.54 19.43
N GLU A 19 7.32 -3.65 20.42
CA GLU A 19 6.06 -3.35 21.08
C GLU A 19 5.02 -2.79 20.10
N ASP A 20 5.46 -1.89 19.23
CA ASP A 20 4.57 -1.29 18.24
C ASP A 20 4.21 -2.26 17.13
N LEU A 21 5.18 -3.06 16.72
CA LEU A 21 4.96 -4.05 15.66
C LEU A 21 3.87 -5.04 16.07
N GLU A 22 3.97 -5.55 17.30
CA GLU A 22 2.99 -6.51 17.79
C GLU A 22 1.60 -5.89 17.93
N ALA A 23 1.55 -4.66 18.44
CA ALA A 23 0.27 -3.97 18.61
C ALA A 23 -0.45 -3.79 17.28
N PHE A 24 0.31 -3.38 16.26
CA PHE A 24 -0.24 -3.15 14.93
C PHE A 24 -0.81 -4.43 14.33
N LEU A 25 0.01 -5.48 14.31
CA LEU A 25 -0.39 -6.76 13.74
C LEU A 25 -1.52 -7.44 14.49
N LEU A 26 -1.50 -7.38 15.82
CA LEU A 26 -2.56 -8.00 16.60
C LEU A 26 -3.86 -7.18 16.44
N GLY A 27 -3.71 -5.90 16.16
CA GLY A 27 -4.89 -5.07 15.96
C GLY A 27 -5.56 -5.53 14.69
N TYR A 28 -4.74 -5.91 13.72
CA TYR A 28 -5.23 -6.41 12.45
C TYR A 28 -5.93 -7.75 12.68
N LEU A 29 -5.34 -8.57 13.56
CA LEU A 29 -5.89 -9.88 13.87
C LEU A 29 -7.31 -9.77 14.44
N ARG A 30 -7.53 -8.78 15.30
CA ARG A 30 -8.83 -8.57 15.91
C ARG A 30 -9.73 -7.67 15.07
N ASP A 31 -9.29 -7.36 13.86
CA ASP A 31 -10.03 -6.50 12.94
C ASP A 31 -10.24 -5.10 13.49
N GLU A 32 -9.21 -4.58 14.16
CA GLU A 32 -9.25 -3.23 14.71
C GLU A 32 -8.53 -2.32 13.73
N VAL A 33 -7.65 -2.92 12.92
CA VAL A 33 -6.88 -2.20 11.92
C VAL A 33 -7.37 -2.69 10.55
N PRO A 34 -7.79 -1.76 9.67
CA PRO A 34 -8.29 -2.06 8.33
C PRO A 34 -7.25 -2.71 7.42
N ASP A 35 -7.73 -3.54 6.50
CA ASP A 35 -6.83 -4.21 5.55
C ASP A 35 -6.04 -3.20 4.72
N TYR A 36 -6.60 -2.03 4.43
CA TYR A 36 -5.87 -1.06 3.62
C TYR A 36 -4.69 -0.40 4.34
N GLN A 37 -4.70 -0.39 5.67
CA GLN A 37 -3.58 0.18 6.38
C GLN A 37 -2.50 -0.90 6.49
N VAL A 38 -2.91 -2.15 6.61
CA VAL A 38 -1.95 -3.23 6.70
C VAL A 38 -1.28 -3.45 5.35
N SER A 39 -2.02 -3.30 4.25
CA SER A 39 -1.43 -3.49 2.93
C SER A 39 -0.43 -2.38 2.63
N ALA A 40 -0.71 -1.18 3.12
CA ALA A 40 0.20 -0.06 2.92
C ALA A 40 1.48 -0.37 3.68
N TRP A 41 1.34 -0.89 4.91
CA TRP A 41 2.52 -1.23 5.70
C TRP A 41 3.30 -2.36 5.04
N LEU A 42 2.59 -3.36 4.54
CA LEU A 42 3.25 -4.49 3.87
C LEU A 42 4.08 -4.03 2.68
N MET A 43 3.55 -3.08 1.91
CA MET A 43 4.29 -2.57 0.76
C MET A 43 5.53 -1.82 1.20
N ALA A 44 5.42 -1.08 2.30
CA ALA A 44 6.56 -0.33 2.84
C ALA A 44 7.60 -1.31 3.36
N ALA A 45 7.14 -2.36 4.05
CA ALA A 45 8.06 -3.36 4.58
C ALA A 45 8.76 -4.08 3.43
N PHE A 46 7.99 -4.36 2.37
CA PHE A 46 8.51 -5.04 1.20
C PHE A 46 9.61 -4.20 0.55
N LEU A 47 9.35 -2.91 0.40
CA LEU A 47 10.30 -2.00 -0.25
C LEU A 47 11.42 -1.42 0.61
N ARG A 48 11.16 -1.16 1.88
CA ARG A 48 12.18 -0.60 2.75
C ARG A 48 12.84 -1.69 3.59
N GLY A 49 12.25 -2.87 3.59
CA GLY A 49 12.81 -4.01 4.30
C GLY A 49 12.62 -4.11 5.80
N LEU A 50 12.92 -5.30 6.32
CA LEU A 50 12.84 -5.58 7.75
C LEU A 50 14.20 -6.20 8.08
N ASP A 51 14.82 -5.77 9.18
CA ASP A 51 16.12 -6.34 9.52
C ASP A 51 15.94 -7.66 10.28
N PRO A 52 17.04 -8.37 10.59
CA PRO A 52 16.95 -9.65 11.31
C PRO A 52 16.09 -9.64 12.56
N GLU A 53 16.23 -8.59 13.38
CA GLU A 53 15.45 -8.49 14.60
C GLU A 53 13.97 -8.32 14.29
N GLU A 54 13.65 -7.36 13.42
CA GLU A 54 12.26 -7.13 13.05
C GLU A 54 11.63 -8.39 12.47
N THR A 55 12.40 -9.11 11.65
CA THR A 55 11.93 -10.34 11.03
C THR A 55 11.61 -11.39 12.09
N LEU A 56 12.45 -11.47 13.10
CA LEU A 56 12.24 -12.43 14.18
C LEU A 56 10.99 -12.06 14.99
N TRP A 57 10.85 -10.78 15.31
CA TRP A 57 9.69 -10.33 16.08
C TRP A 57 8.40 -10.61 15.34
N LEU A 58 8.41 -10.36 14.03
CA LEU A 58 7.24 -10.63 13.20
C LEU A 58 6.90 -12.12 13.27
N THR A 59 7.92 -12.95 13.13
CA THR A 59 7.72 -14.40 13.17
C THR A 59 7.08 -14.84 14.49
N GLU A 60 7.63 -14.38 15.60
CA GLU A 60 7.12 -14.73 16.91
C GLU A 60 5.70 -14.25 17.18
N THR A 61 5.40 -13.01 16.78
CA THR A 61 4.06 -12.48 16.98
C THR A 61 3.05 -13.34 16.24
N MET A 62 3.38 -13.75 15.02
CA MET A 62 2.47 -14.60 14.26
C MET A 62 2.41 -16.00 14.83
N ALA A 63 3.53 -16.50 15.30
CA ALA A 63 3.60 -17.85 15.88
C ALA A 63 2.68 -18.01 17.10
N ARG A 64 2.53 -16.94 17.87
CA ARG A 64 1.70 -16.98 19.08
C ARG A 64 0.25 -16.52 18.90
N SER A 65 -0.14 -16.22 17.67
CA SER A 65 -1.49 -15.75 17.39
C SER A 65 -2.59 -16.81 17.42
N GLY A 66 -2.23 -18.09 17.51
CA GLY A 66 -3.24 -19.12 17.54
C GLY A 66 -2.86 -20.36 18.33
N LYS A 67 -3.01 -21.52 17.70
CA LYS A 67 -2.68 -22.79 18.33
C LYS A 67 -1.16 -22.97 18.41
N VAL A 68 -0.68 -23.42 19.57
CA VAL A 68 0.74 -23.63 19.78
C VAL A 68 0.95 -25.00 20.44
N LEU A 69 1.84 -25.80 19.85
CA LEU A 69 2.10 -27.14 20.36
C LEU A 69 3.38 -27.22 21.19
N ASP A 70 3.33 -28.03 22.25
CA ASP A 70 4.48 -28.23 23.11
C ASP A 70 4.90 -29.70 22.99
N LEU A 71 5.99 -29.93 22.28
CA LEU A 71 6.50 -31.29 22.06
C LEU A 71 7.75 -31.57 22.88
N SER A 72 8.00 -30.74 23.89
CA SER A 72 9.18 -30.87 24.73
C SER A 72 9.29 -32.21 25.46
N GLY A 73 8.17 -32.91 25.63
CA GLY A 73 8.22 -34.19 26.31
C GLY A 73 8.41 -35.38 25.39
N LEU A 74 8.54 -35.09 24.10
CA LEU A 74 8.73 -36.15 23.09
C LEU A 74 10.17 -36.21 22.60
N PRO A 75 10.62 -37.40 22.21
CA PRO A 75 11.99 -37.59 21.72
C PRO A 75 12.27 -37.01 20.34
N HIS A 76 13.36 -36.26 20.26
CA HIS A 76 13.84 -35.64 19.01
C HIS A 76 12.74 -35.20 18.06
N PRO A 77 11.95 -34.19 18.44
CA PRO A 77 10.87 -33.71 17.56
C PRO A 77 11.42 -32.90 16.38
N VAL A 78 11.18 -33.38 15.18
CA VAL A 78 11.66 -32.73 13.97
C VAL A 78 10.52 -32.41 13.00
N ASP A 79 10.80 -31.58 12.01
CA ASP A 79 9.80 -31.19 11.03
C ASP A 79 10.52 -30.88 9.72
N LYS A 80 9.79 -30.91 8.61
CA LYS A 80 10.34 -30.59 7.31
C LYS A 80 9.33 -29.70 6.63
N HIS A 81 9.80 -28.68 5.93
CA HIS A 81 8.91 -27.77 5.23
C HIS A 81 9.50 -27.43 3.87
N SER A 82 8.63 -27.24 2.89
CA SER A 82 9.09 -26.92 1.54
C SER A 82 8.88 -25.47 1.17
N SER A 83 9.92 -24.85 0.63
CA SER A 83 9.88 -23.46 0.18
C SER A 83 9.88 -23.50 -1.34
N GLY A 84 8.78 -23.08 -1.94
CA GLY A 84 8.68 -23.10 -3.39
C GLY A 84 8.17 -24.46 -3.85
N GLY A 85 8.16 -24.68 -5.15
CA GLY A 85 7.68 -25.95 -5.68
C GLY A 85 6.16 -26.01 -5.78
N VAL A 86 5.65 -27.19 -6.12
CA VAL A 86 4.21 -27.38 -6.27
C VAL A 86 3.63 -28.41 -5.30
N GLY A 87 4.30 -28.60 -4.17
CA GLY A 87 3.83 -29.55 -3.18
C GLY A 87 4.06 -31.00 -3.56
N ASP A 88 5.28 -31.49 -3.34
CA ASP A 88 5.62 -32.87 -3.67
C ASP A 88 5.34 -33.86 -2.55
N LYS A 89 5.56 -35.14 -2.84
CA LYS A 89 5.31 -36.23 -1.91
C LYS A 89 6.49 -36.62 -1.01
N VAL A 90 7.61 -35.90 -1.11
CA VAL A 90 8.79 -36.25 -0.32
C VAL A 90 8.53 -36.48 1.17
N SER A 91 7.58 -35.73 1.75
CA SER A 91 7.29 -35.90 3.18
C SER A 91 6.68 -37.27 3.50
N LEU A 92 6.02 -37.87 2.53
CA LEU A 92 5.41 -39.19 2.75
C LEU A 92 6.49 -40.25 2.92
N VAL A 93 7.73 -39.90 2.59
CA VAL A 93 8.85 -40.81 2.71
C VAL A 93 9.77 -40.36 3.84
N VAL A 94 10.00 -39.04 3.93
CA VAL A 94 10.86 -38.47 4.95
C VAL A 94 10.28 -38.71 6.35
N GLY A 95 8.97 -38.52 6.50
CA GLY A 95 8.34 -38.69 7.79
C GLY A 95 8.62 -40.08 8.36
N PRO A 96 8.28 -41.14 7.61
CA PRO A 96 8.50 -42.52 8.03
C PRO A 96 9.96 -42.82 8.34
N ILE A 97 10.86 -42.30 7.50
CA ILE A 97 12.29 -42.52 7.72
C ILE A 97 12.75 -41.93 9.05
N LEU A 98 12.37 -40.69 9.33
CA LEU A 98 12.77 -40.05 10.57
C LEU A 98 12.14 -40.71 11.80
N ALA A 99 10.85 -41.05 11.71
CA ALA A 99 10.18 -41.69 12.83
C ALA A 99 10.84 -43.04 13.13
N ALA A 100 11.31 -43.71 12.09
CA ALA A 100 11.95 -45.01 12.26
C ALA A 100 13.41 -44.84 12.66
N SER A 101 13.85 -43.59 12.80
CA SER A 101 15.23 -43.31 13.17
C SER A 101 15.33 -42.73 14.58
N GLY A 102 14.25 -42.86 15.35
CA GLY A 102 14.27 -42.37 16.71
C GLY A 102 13.75 -40.96 16.90
N CYS A 103 13.25 -40.34 15.84
CA CYS A 103 12.71 -39.00 15.93
C CYS A 103 11.19 -39.02 16.01
N THR A 104 10.63 -37.90 16.42
CA THR A 104 9.18 -37.75 16.48
C THR A 104 8.86 -36.82 15.31
N PHE A 105 8.08 -37.29 14.36
CA PHE A 105 7.69 -36.49 13.20
C PHE A 105 6.19 -36.26 13.33
N ALA A 106 5.83 -35.24 14.11
CA ALA A 106 4.42 -34.92 14.34
C ALA A 106 4.20 -33.53 13.80
N LYS A 107 3.49 -33.45 12.69
CA LYS A 107 3.25 -32.16 12.08
C LYS A 107 1.87 -32.03 11.49
N MET A 108 1.55 -30.81 11.07
CA MET A 108 0.27 -30.52 10.45
C MET A 108 0.55 -30.12 9.01
N SER A 109 -0.14 -30.76 8.08
CA SER A 109 0.05 -30.48 6.66
C SER A 109 -1.14 -29.74 6.07
N GLY A 110 -0.92 -29.11 4.93
CA GLY A 110 -1.98 -28.36 4.28
C GLY A 110 -2.56 -29.06 3.06
N ARG A 111 -3.53 -28.38 2.45
CA ARG A 111 -4.18 -28.92 1.26
C ARG A 111 -3.73 -28.11 0.06
N GLY A 112 -3.83 -28.71 -1.12
CA GLY A 112 -3.42 -28.03 -2.33
C GLY A 112 -4.46 -27.05 -2.82
N LEU A 113 -4.06 -26.24 -3.79
CA LEU A 113 -4.95 -25.27 -4.41
C LEU A 113 -4.44 -25.08 -5.84
N ALA A 114 -5.35 -25.21 -6.80
CA ALA A 114 -4.97 -25.07 -8.20
C ALA A 114 -3.88 -26.06 -8.58
N HIS A 115 -2.78 -25.52 -9.11
CA HIS A 115 -1.64 -26.32 -9.56
C HIS A 115 -0.81 -26.97 -8.45
N THR A 116 -1.06 -26.61 -7.20
CA THR A 116 -0.29 -27.20 -6.10
C THR A 116 -1.04 -28.33 -5.41
N GLY A 117 -0.28 -29.34 -4.97
CA GLY A 117 -0.88 -30.46 -4.28
C GLY A 117 -0.71 -30.26 -2.79
N GLY A 118 -1.23 -31.19 -2.00
CA GLY A 118 -1.12 -31.09 -0.55
C GLY A 118 -1.04 -32.48 0.04
N THR A 119 -0.20 -32.67 1.04
CA THR A 119 -0.05 -33.98 1.66
C THR A 119 -1.35 -34.51 2.27
N ILE A 120 -2.18 -33.62 2.80
CA ILE A 120 -3.44 -34.05 3.40
C ILE A 120 -4.36 -34.62 2.32
N ASP A 121 -4.38 -34.01 1.15
CA ASP A 121 -5.21 -34.47 0.06
C ASP A 121 -4.72 -35.83 -0.42
N LYS A 122 -3.40 -35.98 -0.50
CA LYS A 122 -2.82 -37.24 -0.96
C LYS A 122 -3.21 -38.37 0.00
N LEU A 123 -3.08 -38.13 1.29
CA LEU A 123 -3.40 -39.14 2.30
C LEU A 123 -4.89 -39.48 2.38
N GLU A 124 -5.76 -38.55 2.01
CA GLU A 124 -7.19 -38.84 2.06
C GLU A 124 -7.57 -39.82 0.95
N SER A 125 -6.58 -40.19 0.13
CA SER A 125 -6.79 -41.16 -0.94
C SER A 125 -6.89 -42.54 -0.29
N VAL A 126 -6.31 -42.66 0.90
CA VAL A 126 -6.31 -43.90 1.66
C VAL A 126 -7.66 -44.08 2.34
N PRO A 127 -8.38 -45.18 2.00
CA PRO A 127 -9.68 -45.42 2.60
C PRO A 127 -9.66 -45.45 4.13
N GLY A 128 -10.49 -44.62 4.75
CA GLY A 128 -10.57 -44.57 6.19
C GLY A 128 -9.67 -43.56 6.87
N TRP A 129 -8.56 -43.20 6.23
CA TRP A 129 -7.61 -42.24 6.80
C TRP A 129 -8.22 -40.87 7.08
N ARG A 130 -7.89 -40.31 8.25
CA ARG A 130 -8.41 -39.00 8.63
C ARG A 130 -7.33 -38.13 9.25
N GLY A 131 -7.30 -36.86 8.86
CA GLY A 131 -6.31 -35.94 9.39
C GLY A 131 -6.83 -35.18 10.59
N GLU A 132 -8.14 -35.26 10.82
CA GLU A 132 -8.76 -34.57 11.94
C GLU A 132 -8.56 -35.38 13.22
N MET A 133 -8.15 -34.69 14.28
CA MET A 133 -7.93 -35.33 15.58
C MET A 133 -7.82 -34.26 16.66
N THR A 134 -8.08 -34.65 17.90
CA THR A 134 -8.00 -33.72 19.01
C THR A 134 -6.55 -33.49 19.40
N GLU A 135 -6.30 -32.45 20.18
CA GLU A 135 -4.95 -32.14 20.63
C GLU A 135 -4.39 -33.34 21.40
N ALA A 136 -5.26 -33.99 22.17
CA ALA A 136 -4.86 -35.15 22.96
C ALA A 136 -4.47 -36.34 22.08
N GLU A 137 -5.26 -36.59 21.05
CA GLU A 137 -4.99 -37.70 20.14
C GLU A 137 -3.69 -37.47 19.38
N PHE A 138 -3.45 -36.21 19.01
CA PHE A 138 -2.24 -35.84 18.27
C PHE A 138 -1.00 -36.16 19.11
N LEU A 139 -1.01 -35.75 20.38
CA LEU A 139 0.13 -36.00 21.25
C LEU A 139 0.27 -37.48 21.60
N GLU A 140 -0.86 -38.17 21.72
CA GLU A 140 -0.88 -39.60 22.06
C GLU A 140 -0.25 -40.42 20.94
N ARG A 141 -0.63 -40.12 19.70
CA ARG A 141 -0.08 -40.84 18.55
C ARG A 141 1.38 -40.46 18.32
N ALA A 142 1.72 -39.21 18.62
CA ALA A 142 3.09 -38.75 18.45
C ALA A 142 3.99 -39.58 19.35
N ARG A 143 3.50 -39.85 20.56
CA ARG A 143 4.25 -40.64 21.53
C ARG A 143 4.29 -42.12 21.18
N ARG A 144 3.13 -42.68 20.80
CA ARG A 144 3.05 -44.11 20.49
C ARG A 144 3.58 -44.51 19.12
N VAL A 145 3.21 -43.76 18.09
CA VAL A 145 3.62 -44.07 16.73
C VAL A 145 4.91 -43.36 16.34
N GLY A 146 5.04 -42.09 16.73
CA GLY A 146 6.24 -41.34 16.39
C GLY A 146 6.08 -40.59 15.09
N LEU A 147 4.99 -40.89 14.39
CA LEU A 147 4.68 -40.26 13.11
C LEU A 147 3.20 -39.89 13.09
N VAL A 148 2.91 -38.59 13.01
CA VAL A 148 1.53 -38.11 12.97
C VAL A 148 1.43 -36.95 11.98
N ILE A 149 0.41 -37.00 11.13
CA ILE A 149 0.19 -35.94 10.15
C ILE A 149 -1.26 -35.53 10.31
N ALA A 150 -1.47 -34.35 10.87
CA ALA A 150 -2.80 -33.83 11.12
C ALA A 150 -3.18 -32.72 10.15
N ALA A 151 -4.48 -32.56 9.96
CA ALA A 151 -4.98 -31.51 9.08
C ALA A 151 -5.13 -30.25 9.90
N GLN A 152 -6.05 -29.38 9.49
CA GLN A 152 -6.30 -28.13 10.21
C GLN A 152 -4.99 -27.35 10.44
N SER A 153 -4.07 -27.48 9.50
CA SER A 153 -2.81 -26.76 9.59
C SER A 153 -3.04 -25.27 9.83
N PRO A 154 -4.08 -24.69 9.20
CA PRO A 154 -4.39 -23.26 9.38
C PRO A 154 -4.57 -22.80 10.83
N ASP A 155 -4.90 -23.73 11.71
CA ASP A 155 -5.09 -23.38 13.13
C ASP A 155 -3.79 -22.89 13.74
N LEU A 156 -2.68 -23.15 13.05
CA LEU A 156 -1.38 -22.72 13.54
C LEU A 156 -1.06 -21.34 12.95
N ALA A 157 -0.73 -20.40 13.81
CA ALA A 157 -0.38 -19.05 13.38
C ALA A 157 -1.44 -18.45 12.46
N PRO A 158 -2.68 -18.31 12.97
CA PRO A 158 -3.76 -17.75 12.16
C PRO A 158 -3.41 -16.35 11.62
N LEU A 159 -2.62 -15.59 12.38
CA LEU A 159 -2.24 -14.26 11.93
C LEU A 159 -1.46 -14.37 10.62
N ASP A 160 -0.65 -15.42 10.48
CA ASP A 160 0.11 -15.61 9.25
C ASP A 160 -0.86 -15.90 8.10
N GLY A 161 -1.85 -16.75 8.36
CA GLY A 161 -2.81 -17.08 7.33
C GLY A 161 -3.52 -15.82 6.85
N LYS A 162 -3.86 -14.95 7.80
CA LYS A 162 -4.56 -13.70 7.50
C LYS A 162 -3.63 -12.77 6.71
N LEU A 163 -2.40 -12.62 7.19
CA LEU A 163 -1.44 -11.74 6.52
C LEU A 163 -1.06 -12.28 5.15
N TYR A 164 -0.96 -13.61 5.02
CA TYR A 164 -0.61 -14.19 3.73
C TYR A 164 -1.71 -13.93 2.70
N ALA A 165 -2.96 -14.08 3.12
CA ALA A 165 -4.08 -13.87 2.21
C ALA A 165 -4.04 -12.45 1.67
N LEU A 166 -3.66 -11.50 2.52
CA LEU A 166 -3.57 -10.10 2.12
C LEU A 166 -2.37 -9.89 1.19
N ARG A 167 -1.23 -10.45 1.54
CA ARG A 167 -0.04 -10.34 0.70
C ARG A 167 -0.33 -10.88 -0.70
N ASP A 168 -1.10 -11.96 -0.77
CA ASP A 168 -1.41 -12.59 -2.05
C ASP A 168 -2.23 -11.72 -3.00
N VAL A 169 -3.00 -10.78 -2.45
CA VAL A 169 -3.80 -9.90 -3.31
C VAL A 169 -3.29 -8.47 -3.35
N THR A 170 -2.09 -8.23 -2.81
CA THR A 170 -1.50 -6.89 -2.80
C THR A 170 -0.07 -6.90 -3.33
N ALA A 171 0.31 -8.01 -3.97
CA ALA A 171 1.64 -8.15 -4.53
C ALA A 171 2.74 -7.95 -3.51
N THR A 172 2.56 -8.48 -2.29
CA THR A 172 3.58 -8.37 -1.27
C THR A 172 3.97 -9.76 -0.75
N VAL A 173 3.90 -10.75 -1.62
CA VAL A 173 4.26 -12.10 -1.24
C VAL A 173 5.77 -12.31 -1.35
N GLU A 174 6.31 -12.08 -2.54
CA GLU A 174 7.73 -12.31 -2.82
C GLU A 174 8.79 -11.45 -2.14
N SER A 175 8.72 -11.34 -0.82
CA SER A 175 9.69 -10.59 -0.04
C SER A 175 10.34 -11.60 0.90
N VAL A 176 11.67 -11.70 0.87
CA VAL A 176 12.37 -12.65 1.74
C VAL A 176 11.98 -12.61 3.21
N PRO A 177 11.99 -11.42 3.84
CA PRO A 177 11.61 -11.37 5.25
C PRO A 177 10.17 -11.84 5.51
N LEU A 178 9.27 -11.52 4.59
CA LEU A 178 7.87 -11.91 4.74
C LEU A 178 7.67 -13.40 4.50
N ILE A 179 8.39 -13.94 3.53
CA ILE A 179 8.31 -15.37 3.24
C ILE A 179 8.91 -16.13 4.41
N ALA A 180 10.10 -15.72 4.83
CA ALA A 180 10.80 -16.37 5.94
C ALA A 180 9.99 -16.38 7.22
N SER A 181 9.48 -15.22 7.62
CA SER A 181 8.69 -15.15 8.85
C SER A 181 7.41 -15.97 8.75
N SER A 182 6.79 -15.99 7.56
CA SER A 182 5.56 -16.76 7.35
C SER A 182 5.84 -18.25 7.60
N ILE A 183 6.81 -18.80 6.87
CA ILE A 183 7.17 -20.21 7.03
C ILE A 183 7.56 -20.53 8.47
N MET A 184 8.50 -19.77 9.02
CA MET A 184 8.96 -20.04 10.37
C MET A 184 7.92 -19.83 11.46
N SER A 185 6.94 -18.95 11.24
CA SER A 185 5.91 -18.74 12.25
C SER A 185 5.13 -20.03 12.47
N LYS A 186 4.85 -20.74 11.38
CA LYS A 186 4.11 -21.99 11.48
C LYS A 186 4.98 -23.09 12.10
N LYS A 187 6.28 -23.05 11.84
CA LYS A 187 7.18 -24.05 12.41
C LYS A 187 7.39 -23.80 13.90
N LEU A 188 7.44 -22.53 14.30
CA LEU A 188 7.63 -22.23 15.71
C LEU A 188 6.39 -22.66 16.49
N ALA A 189 5.23 -22.44 15.89
CA ALA A 189 3.97 -22.80 16.53
C ALA A 189 3.80 -24.31 16.64
N ALA A 190 4.31 -25.04 15.65
CA ALA A 190 4.21 -26.49 15.61
C ALA A 190 5.07 -27.21 16.64
N GLY A 191 6.03 -26.48 17.24
CA GLY A 191 6.84 -27.06 18.29
C GLY A 191 8.05 -27.96 18.05
N ALA A 192 8.40 -28.25 16.81
CA ALA A 192 9.56 -29.11 16.56
C ALA A 192 10.83 -28.38 16.98
N ARG A 193 11.84 -29.13 17.41
CA ARG A 193 13.11 -28.52 17.81
C ARG A 193 14.02 -28.32 16.60
N SER A 194 14.07 -29.31 15.72
CA SER A 194 14.90 -29.23 14.52
C SER A 194 14.02 -29.18 13.29
N ILE A 195 14.31 -28.24 12.41
CA ILE A 195 13.52 -28.08 11.19
C ILE A 195 14.39 -28.08 9.95
N VAL A 196 14.05 -28.92 8.99
CA VAL A 196 14.79 -28.95 7.73
C VAL A 196 13.91 -28.33 6.65
N LEU A 197 14.49 -27.41 5.89
CA LEU A 197 13.74 -26.73 4.84
C LEU A 197 14.25 -27.12 3.46
N ASP A 198 13.32 -27.46 2.57
CA ASP A 198 13.68 -27.83 1.21
C ASP A 198 13.33 -26.62 0.35
N VAL A 199 14.35 -25.96 -0.17
CA VAL A 199 14.18 -24.76 -0.99
C VAL A 199 14.46 -25.07 -2.46
N LYS A 200 13.43 -24.93 -3.31
CA LYS A 200 13.58 -25.21 -4.75
C LYS A 200 14.28 -24.05 -5.46
N VAL A 201 15.30 -24.37 -6.23
CA VAL A 201 16.08 -23.37 -6.94
C VAL A 201 15.98 -23.47 -8.45
N GLY A 202 15.77 -22.34 -9.11
CA GLY A 202 15.66 -22.33 -10.56
C GLY A 202 15.15 -21.01 -11.09
N ARG A 203 14.98 -20.94 -12.40
CA ARG A 203 14.50 -19.72 -13.05
C ARG A 203 13.05 -19.90 -13.48
N GLY A 204 12.15 -19.24 -12.77
CA GLY A 204 10.73 -19.34 -13.09
C GLY A 204 9.87 -19.21 -11.85
N ALA A 205 8.56 -19.30 -12.02
CA ALA A 205 7.63 -19.20 -10.91
C ALA A 205 7.74 -20.42 -9.99
N PHE A 206 7.45 -20.20 -8.71
CA PHE A 206 7.49 -21.26 -7.71
C PHE A 206 8.91 -21.78 -7.51
N MET A 207 9.86 -20.97 -7.95
CA MET A 207 11.28 -21.27 -7.82
C MET A 207 12.01 -19.97 -7.49
N LYS A 208 13.11 -20.08 -6.77
CA LYS A 208 13.91 -18.92 -6.40
C LYS A 208 15.27 -19.07 -7.06
N THR A 209 15.83 -17.96 -7.51
CA THR A 209 17.16 -18.00 -8.12
C THR A 209 18.11 -18.42 -7.00
N LEU A 210 19.32 -18.83 -7.34
CA LEU A 210 20.27 -19.24 -6.32
C LEU A 210 20.49 -18.13 -5.29
N GLU A 211 20.69 -16.91 -5.77
CA GLU A 211 20.91 -15.78 -4.87
C GLU A 211 19.74 -15.59 -3.89
N GLU A 212 18.52 -15.66 -4.42
CA GLU A 212 17.33 -15.48 -3.60
C GLU A 212 17.17 -16.62 -2.60
N ALA A 213 17.40 -17.84 -3.08
CA ALA A 213 17.27 -19.02 -2.24
C ALA A 213 18.27 -19.01 -1.09
N ARG A 214 19.50 -18.58 -1.36
CA ARG A 214 20.50 -18.53 -0.31
C ARG A 214 20.14 -17.47 0.73
N LEU A 215 19.59 -16.36 0.27
CA LEU A 215 19.20 -15.28 1.18
C LEU A 215 18.03 -15.77 2.02
N LEU A 216 17.08 -16.44 1.39
CA LEU A 216 15.91 -16.96 2.11
C LEU A 216 16.35 -18.00 3.14
N ALA A 217 17.24 -18.90 2.73
CA ALA A 217 17.74 -19.94 3.63
C ALA A 217 18.47 -19.33 4.83
N LYS A 218 19.33 -18.35 4.57
CA LYS A 218 20.07 -17.71 5.64
C LYS A 218 19.12 -17.02 6.62
N THR A 219 18.08 -16.41 6.08
CA THR A 219 17.11 -15.70 6.90
C THR A 219 16.28 -16.62 7.80
N MET A 220 15.83 -17.74 7.25
CA MET A 220 15.03 -18.68 8.04
C MET A 220 15.89 -19.34 9.12
N VAL A 221 17.16 -19.60 8.81
CA VAL A 221 18.06 -20.20 9.78
C VAL A 221 18.27 -19.24 10.95
N ALA A 222 18.46 -17.96 10.63
CA ALA A 222 18.67 -16.94 11.64
C ALA A 222 17.44 -16.82 12.55
N ILE A 223 16.25 -16.87 11.95
CA ILE A 223 15.01 -16.78 12.72
C ILE A 223 14.93 -17.96 13.68
N GLY A 224 15.14 -19.17 13.14
CA GLY A 224 15.08 -20.37 13.97
C GLY A 224 16.05 -20.27 15.13
N GLN A 225 17.30 -19.92 14.84
CA GLN A 225 18.32 -19.78 15.87
C GLN A 225 17.92 -18.76 16.93
N GLY A 226 17.36 -17.63 16.48
CA GLY A 226 16.93 -16.60 17.40
C GLY A 226 15.81 -17.05 18.32
N ALA A 227 15.07 -18.08 17.92
CA ALA A 227 13.96 -18.59 18.70
C ALA A 227 14.32 -19.87 19.45
N GLY A 228 15.60 -20.24 19.40
CA GLY A 228 16.05 -21.43 20.09
C GLY A 228 15.83 -22.73 19.34
N ARG A 229 15.53 -22.63 18.05
CA ARG A 229 15.30 -23.81 17.22
C ARG A 229 16.56 -24.13 16.40
N ARG A 230 16.64 -25.35 15.89
CA ARG A 230 17.76 -25.76 15.06
C ARG A 230 17.24 -25.85 13.63
N VAL A 231 17.85 -25.11 12.71
CA VAL A 231 17.37 -25.12 11.33
C VAL A 231 18.46 -25.37 10.30
N ARG A 232 18.13 -26.12 9.27
CA ARG A 232 19.05 -26.41 8.20
C ARG A 232 18.26 -26.36 6.89
N ALA A 233 18.82 -25.73 5.87
CA ALA A 233 18.12 -25.66 4.60
C ALA A 233 18.88 -26.45 3.55
N LEU A 234 18.13 -27.15 2.70
CA LEU A 234 18.71 -27.92 1.63
C LEU A 234 18.17 -27.33 0.33
N LEU A 235 19.06 -26.81 -0.50
CA LEU A 235 18.66 -26.24 -1.79
C LEU A 235 18.69 -27.34 -2.84
N THR A 236 17.58 -27.50 -3.55
CA THR A 236 17.49 -28.52 -4.59
C THR A 236 16.97 -27.94 -5.92
N SER A 237 17.29 -28.61 -7.02
CA SER A 237 16.84 -28.16 -8.33
C SER A 237 15.44 -28.70 -8.61
N MET A 238 14.82 -28.22 -9.68
CA MET A 238 13.48 -28.68 -10.03
C MET A 238 13.28 -28.65 -11.54
N GLU A 239 14.10 -29.41 -12.26
CA GLU A 239 14.00 -29.47 -13.71
C GLU A 239 12.86 -30.39 -14.10
N ALA A 240 12.29 -31.06 -13.09
CA ALA A 240 11.18 -31.98 -13.26
C ALA A 240 10.69 -32.37 -11.88
N PRO A 241 9.46 -32.91 -11.79
CA PRO A 241 8.95 -33.32 -10.48
C PRO A 241 9.84 -34.45 -9.95
N LEU A 242 9.89 -34.61 -8.63
CA LEU A 242 10.68 -35.71 -8.05
C LEU A 242 9.84 -36.98 -8.19
N GLY A 243 10.46 -38.04 -8.70
CA GLY A 243 9.70 -39.26 -8.88
C GLY A 243 8.94 -39.20 -10.18
N ARG A 244 7.95 -40.06 -10.34
CA ARG A 244 7.19 -40.11 -11.58
C ARG A 244 5.71 -39.80 -11.40
N ALA A 245 5.20 -40.04 -10.20
CA ALA A 245 3.78 -39.83 -9.94
C ALA A 245 3.41 -38.43 -9.51
N VAL A 246 2.35 -37.90 -10.11
CA VAL A 246 1.84 -36.57 -9.76
C VAL A 246 0.33 -36.71 -9.64
N GLY A 247 -0.19 -36.43 -8.44
CA GLY A 247 -1.61 -36.57 -8.21
C GLY A 247 -1.86 -36.85 -6.75
N ASN A 248 -2.67 -37.86 -6.47
CA ASN A 248 -2.96 -38.17 -5.08
C ASN A 248 -2.78 -39.64 -4.77
N ALA A 249 -3.77 -40.48 -5.10
CA ALA A 249 -3.64 -41.91 -4.85
C ALA A 249 -2.38 -42.43 -5.55
N ILE A 250 -2.09 -41.90 -6.74
CA ILE A 250 -0.93 -42.34 -7.50
C ILE A 250 0.37 -41.98 -6.79
N GLU A 251 0.36 -40.88 -6.04
CA GLU A 251 1.55 -40.47 -5.30
C GLU A 251 1.73 -41.30 -4.01
N VAL A 252 0.63 -41.71 -3.41
CA VAL A 252 0.71 -42.53 -2.20
C VAL A 252 1.30 -43.87 -2.64
N ARG A 253 0.86 -44.37 -3.80
CA ARG A 253 1.37 -45.63 -4.34
C ARG A 253 2.88 -45.53 -4.49
N GLU A 254 3.35 -44.44 -5.10
CA GLU A 254 4.78 -44.26 -5.30
C GLU A 254 5.56 -44.17 -3.99
N ALA A 255 5.02 -43.45 -3.01
CA ALA A 255 5.70 -43.32 -1.72
C ALA A 255 5.85 -44.70 -1.06
N ILE A 256 4.82 -45.53 -1.20
CA ILE A 256 4.87 -46.88 -0.63
C ILE A 256 5.94 -47.70 -1.34
N GLU A 257 5.98 -47.61 -2.66
CA GLU A 257 6.99 -48.35 -3.42
C GLU A 257 8.39 -47.90 -2.98
N ALA A 258 8.54 -46.61 -2.73
CA ALA A 258 9.82 -46.07 -2.29
C ALA A 258 10.21 -46.66 -0.94
N LEU A 259 9.25 -46.76 -0.03
CA LEU A 259 9.50 -47.31 1.29
C LEU A 259 9.78 -48.82 1.24
N LYS A 260 9.37 -49.45 0.13
CA LYS A 260 9.59 -50.88 -0.07
C LYS A 260 10.93 -51.13 -0.76
N GLY A 261 11.62 -50.04 -1.11
CA GLY A 261 12.90 -50.16 -1.78
C GLY A 261 12.74 -50.38 -3.28
N GLU A 262 11.61 -49.91 -3.81
CA GLU A 262 11.31 -50.06 -5.24
C GLU A 262 10.90 -48.72 -5.82
N GLY A 263 11.32 -47.64 -5.19
CA GLY A 263 10.95 -46.32 -5.66
C GLY A 263 11.97 -45.68 -6.59
N PRO A 264 11.63 -44.54 -7.19
CA PRO A 264 12.54 -43.85 -8.11
C PRO A 264 13.78 -43.33 -7.38
N GLY A 265 14.92 -43.38 -8.06
CA GLY A 265 16.17 -42.95 -7.47
C GLY A 265 16.25 -41.49 -7.04
N ASP A 266 15.70 -40.58 -7.82
CA ASP A 266 15.75 -39.16 -7.47
C ASP A 266 14.97 -38.88 -6.19
N LEU A 267 13.77 -39.44 -6.08
CA LEU A 267 12.95 -39.22 -4.89
C LEU A 267 13.69 -39.72 -3.65
N LEU A 268 14.28 -40.91 -3.77
CA LEU A 268 15.02 -41.50 -2.67
C LEU A 268 16.21 -40.63 -2.27
N GLU A 269 16.95 -40.13 -3.25
CA GLU A 269 18.12 -39.31 -2.99
C GLU A 269 17.80 -38.06 -2.18
N VAL A 270 16.74 -37.35 -2.58
CA VAL A 270 16.36 -36.13 -1.87
C VAL A 270 15.77 -36.43 -0.51
N ALA A 271 14.96 -37.48 -0.43
CA ALA A 271 14.36 -37.84 0.85
C ALA A 271 15.45 -38.16 1.88
N LEU A 272 16.44 -38.94 1.48
CA LEU A 272 17.54 -39.29 2.39
C LEU A 272 18.38 -38.07 2.75
N ALA A 273 18.61 -37.19 1.78
CA ALA A 273 19.39 -36.00 2.03
C ALA A 273 18.71 -35.13 3.08
N LEU A 274 17.39 -34.98 2.97
CA LEU A 274 16.64 -34.17 3.93
C LEU A 274 16.62 -34.87 5.30
N ALA A 275 16.36 -36.16 5.31
CA ALA A 275 16.32 -36.90 6.58
C ALA A 275 17.66 -36.83 7.27
N GLU A 276 18.74 -36.99 6.51
CA GLU A 276 20.08 -36.94 7.09
C GLU A 276 20.38 -35.59 7.74
N GLU A 277 19.90 -34.50 7.13
CA GLU A 277 20.13 -33.18 7.71
C GLU A 277 19.37 -33.03 9.03
N ALA A 278 18.16 -33.60 9.10
CA ALA A 278 17.35 -33.54 10.30
C ALA A 278 18.06 -34.28 11.42
N LEU A 279 18.59 -35.46 11.09
CA LEU A 279 19.30 -36.27 12.07
C LEU A 279 20.53 -35.52 12.59
N ARG A 280 21.29 -34.90 11.70
CA ARG A 280 22.46 -34.15 12.12
C ARG A 280 22.10 -33.04 13.09
N LEU A 281 20.98 -32.35 12.84
CA LEU A 281 20.54 -31.26 13.72
C LEU A 281 20.28 -31.78 15.12
N GLU A 282 19.73 -33.00 15.20
CA GLU A 282 19.41 -33.62 16.47
C GLU A 282 20.60 -34.37 17.07
N GLY A 283 21.75 -34.30 16.41
CA GLY A 283 22.94 -34.98 16.90
C GLY A 283 22.87 -36.48 16.76
N LEU A 284 22.02 -36.96 15.84
CA LEU A 284 21.87 -38.38 15.59
C LEU A 284 22.71 -38.80 14.39
N ASP A 285 23.09 -40.08 14.35
CA ASP A 285 23.89 -40.57 13.23
C ASP A 285 23.09 -40.53 11.95
N PRO A 286 23.55 -39.74 10.96
CA PRO A 286 22.80 -39.67 9.71
C PRO A 286 22.65 -41.02 9.01
N ALA A 287 23.53 -41.97 9.34
CA ALA A 287 23.48 -43.29 8.74
C ALA A 287 22.15 -44.00 9.04
N LEU A 288 21.47 -43.57 10.08
CA LEU A 288 20.20 -44.18 10.49
C LEU A 288 19.12 -44.09 9.41
N ALA A 289 19.18 -43.03 8.61
CA ALA A 289 18.18 -42.83 7.56
C ALA A 289 18.12 -43.95 6.53
N ARG A 290 19.25 -44.22 5.88
CA ARG A 290 19.30 -45.26 4.86
C ARG A 290 18.99 -46.62 5.50
N LYS A 291 19.42 -46.78 6.75
CA LYS A 291 19.19 -48.00 7.51
C LYS A 291 17.70 -48.24 7.69
N ALA A 292 16.99 -47.20 8.14
CA ALA A 292 15.55 -47.29 8.36
C ALA A 292 14.80 -47.57 7.07
N LEU A 293 15.28 -47.01 5.96
CA LEU A 293 14.64 -47.19 4.67
C LEU A 293 14.85 -48.57 4.06
N GLU A 294 16.12 -48.95 3.87
CA GLU A 294 16.46 -50.23 3.26
C GLU A 294 16.09 -51.43 4.13
N GLY A 295 15.98 -51.22 5.44
CA GLY A 295 15.65 -52.31 6.34
C GLY A 295 14.16 -52.58 6.50
N GLY A 296 13.33 -51.67 6.03
CA GLY A 296 11.89 -51.84 6.13
C GLY A 296 11.27 -51.20 7.35
N ALA A 297 12.09 -50.66 8.24
CA ALA A 297 11.57 -50.02 9.44
C ALA A 297 10.72 -48.80 9.09
N ALA A 298 11.12 -48.08 8.04
CA ALA A 298 10.37 -46.89 7.64
C ALA A 298 8.98 -47.28 7.12
N LEU A 299 8.92 -48.33 6.31
CA LEU A 299 7.64 -48.80 5.78
C LEU A 299 6.74 -49.21 6.94
N GLU A 300 7.33 -49.83 7.95
CA GLU A 300 6.59 -50.27 9.12
C GLU A 300 5.96 -49.08 9.84
N LYS A 301 6.72 -48.00 9.95
CA LYS A 301 6.22 -46.79 10.60
C LYS A 301 5.09 -46.18 9.80
N PHE A 302 5.23 -46.16 8.47
CA PHE A 302 4.21 -45.60 7.61
C PHE A 302 2.90 -46.37 7.78
N ARG A 303 3.00 -47.69 7.79
CA ARG A 303 1.85 -48.56 7.93
C ARG A 303 1.14 -48.32 9.28
N ALA A 304 1.91 -48.23 10.35
CA ALA A 304 1.36 -48.01 11.69
C ALA A 304 0.69 -46.64 11.79
N PHE A 305 1.26 -45.67 11.08
CA PHE A 305 0.73 -44.31 11.05
C PHE A 305 -0.63 -44.28 10.34
N LEU A 306 -0.72 -44.97 9.21
CA LEU A 306 -1.97 -45.02 8.45
C LEU A 306 -3.06 -45.66 9.31
N GLU A 307 -2.71 -46.79 9.91
CA GLU A 307 -3.63 -47.54 10.75
C GLU A 307 -4.09 -46.74 11.96
N ALA A 308 -3.16 -46.03 12.59
CA ALA A 308 -3.48 -45.22 13.76
C ALA A 308 -4.45 -44.08 13.45
N GLN A 309 -4.48 -43.62 12.20
CA GLN A 309 -5.39 -42.53 11.87
C GLN A 309 -6.62 -42.98 11.08
N GLY A 310 -6.96 -44.26 11.19
CA GLY A 310 -8.15 -44.78 10.51
C GLY A 310 -7.95 -45.40 9.15
N GLY A 311 -6.82 -45.13 8.52
CA GLY A 311 -6.56 -45.69 7.20
C GLY A 311 -6.47 -47.19 7.18
N ASP A 312 -6.83 -47.79 6.05
CA ASP A 312 -6.77 -49.23 5.90
C ASP A 312 -5.33 -49.64 5.62
N PRO A 313 -4.69 -50.32 6.58
CA PRO A 313 -3.29 -50.75 6.39
C PRO A 313 -3.08 -51.68 5.21
N ARG A 314 -4.17 -52.25 4.71
CA ARG A 314 -4.11 -53.15 3.56
C ARG A 314 -3.63 -52.43 2.31
N ALA A 315 -3.87 -51.13 2.25
CA ALA A 315 -3.46 -50.31 1.11
C ALA A 315 -1.97 -50.44 0.83
N VAL A 316 -1.20 -50.70 1.87
CA VAL A 316 0.24 -50.84 1.73
C VAL A 316 0.60 -52.05 0.86
N GLU A 317 -0.18 -53.13 0.98
CA GLU A 317 0.09 -54.33 0.21
C GLU A 317 -0.77 -54.45 -1.06
N ASP A 318 -1.98 -53.89 -1.02
CA ASP A 318 -2.88 -53.99 -2.16
C ASP A 318 -3.30 -52.63 -2.72
N PHE A 319 -2.67 -52.23 -3.83
CA PHE A 319 -2.97 -50.96 -4.46
C PHE A 319 -4.37 -50.90 -5.06
N SER A 320 -5.14 -51.95 -4.84
CA SER A 320 -6.52 -51.99 -5.32
C SER A 320 -7.30 -50.98 -4.49
N LEU A 321 -6.81 -50.72 -3.27
CA LEU A 321 -7.43 -49.79 -2.35
C LEU A 321 -7.08 -48.33 -2.67
N LEU A 322 -6.14 -48.14 -3.59
CA LEU A 322 -5.71 -46.81 -4.04
C LEU A 322 -5.92 -46.81 -5.55
N PRO A 323 -7.17 -46.93 -5.99
CA PRO A 323 -7.55 -46.96 -7.41
C PRO A 323 -7.25 -45.71 -8.24
N LEU A 324 -6.87 -45.95 -9.49
CA LEU A 324 -6.59 -44.87 -10.43
C LEU A 324 -7.67 -44.86 -11.50
N ALA A 325 -7.81 -43.74 -12.20
CA ALA A 325 -8.81 -43.59 -13.26
C ALA A 325 -8.40 -44.29 -14.56
N GLU A 326 -9.01 -43.87 -15.66
CA GLU A 326 -8.73 -44.44 -16.98
C GLU A 326 -7.39 -43.97 -17.52
N GLU A 327 -6.57 -44.92 -17.97
CA GLU A 327 -5.24 -44.62 -18.50
C GLU A 327 -5.20 -44.24 -19.98
N HIS A 328 -4.49 -43.16 -20.28
CA HIS A 328 -4.33 -42.66 -21.65
C HIS A 328 -2.86 -42.30 -21.87
N PRO A 329 -2.25 -42.84 -22.93
CA PRO A 329 -0.84 -42.55 -23.21
C PRO A 329 -0.57 -41.20 -23.88
N LEU A 330 0.40 -40.47 -23.35
CA LEU A 330 0.80 -39.19 -23.93
C LEU A 330 2.01 -39.55 -24.79
N ARG A 331 1.86 -39.48 -26.10
CA ARG A 331 2.94 -39.83 -27.00
C ARG A 331 3.77 -38.66 -27.50
N ALA A 332 5.08 -38.87 -27.58
CA ALA A 332 6.00 -37.85 -28.04
C ALA A 332 5.77 -37.63 -29.53
N GLU A 333 5.82 -36.37 -29.96
CA GLU A 333 5.62 -36.04 -31.35
C GLU A 333 6.94 -35.54 -31.92
N ARG A 334 8.03 -35.84 -31.23
CA ARG A 334 9.35 -35.41 -31.64
C ARG A 334 10.41 -36.44 -31.26
N GLU A 335 11.62 -36.24 -31.78
CA GLU A 335 12.74 -37.11 -31.48
C GLU A 335 13.64 -36.28 -30.56
N GLY A 336 14.39 -36.95 -29.68
CA GLY A 336 15.27 -36.19 -28.82
C GLY A 336 15.49 -36.75 -27.43
N VAL A 337 16.01 -35.89 -26.55
CA VAL A 337 16.28 -36.24 -25.17
C VAL A 337 15.52 -35.27 -24.27
N VAL A 338 14.80 -35.79 -23.28
CA VAL A 338 14.06 -34.94 -22.37
C VAL A 338 15.03 -34.08 -21.56
N ARG A 339 14.85 -32.77 -21.63
CA ARG A 339 15.70 -31.85 -20.89
C ARG A 339 14.97 -31.26 -19.69
N GLU A 340 13.65 -31.20 -19.79
CA GLU A 340 12.86 -30.63 -18.71
C GLU A 340 11.40 -31.07 -18.72
N VAL A 341 10.79 -31.08 -17.54
CA VAL A 341 9.38 -31.39 -17.38
C VAL A 341 8.89 -30.36 -16.38
N ASP A 342 8.30 -29.29 -16.90
CA ASP A 342 7.79 -28.19 -16.10
C ASP A 342 6.81 -28.69 -15.03
N ALA A 343 7.21 -28.64 -13.76
CA ALA A 343 6.35 -29.10 -12.67
C ALA A 343 5.05 -28.31 -12.57
N TYR A 344 5.15 -27.00 -12.81
CA TYR A 344 3.99 -26.13 -12.78
C TYR A 344 2.94 -26.60 -13.78
N LYS A 345 3.38 -26.86 -15.02
CA LYS A 345 2.48 -27.31 -16.07
C LYS A 345 1.89 -28.69 -15.78
N VAL A 346 2.67 -29.58 -15.16
CA VAL A 346 2.15 -30.90 -14.83
C VAL A 346 1.04 -30.71 -13.79
N GLY A 347 1.23 -29.75 -12.88
CA GLY A 347 0.23 -29.46 -11.88
C GLY A 347 -1.04 -28.91 -12.50
N LEU A 348 -0.88 -28.10 -13.54
CA LEU A 348 -2.03 -27.54 -14.24
C LEU A 348 -2.79 -28.66 -14.93
N ALA A 349 -2.06 -29.67 -15.38
CA ALA A 349 -2.68 -30.82 -16.04
C ALA A 349 -3.51 -31.59 -15.01
N VAL A 350 -2.91 -31.87 -13.86
CA VAL A 350 -3.62 -32.59 -12.81
C VAL A 350 -4.87 -31.83 -12.39
N LEU A 351 -4.76 -30.51 -12.30
CA LEU A 351 -5.89 -29.67 -11.93
C LEU A 351 -7.02 -29.82 -12.95
N ALA A 352 -6.67 -29.76 -14.23
CA ALA A 352 -7.66 -29.91 -15.29
C ALA A 352 -8.37 -31.25 -15.22
N LEU A 353 -7.66 -32.28 -14.79
CA LEU A 353 -8.24 -33.62 -14.68
C LEU A 353 -9.16 -33.75 -13.48
N GLY A 354 -9.13 -32.77 -12.59
CA GLY A 354 -9.96 -32.80 -11.40
C GLY A 354 -9.22 -33.33 -10.17
N GLY A 355 -7.90 -33.41 -10.27
CA GLY A 355 -7.09 -33.89 -9.16
C GLY A 355 -6.64 -32.76 -8.26
N GLY A 356 -7.04 -31.54 -8.64
CA GLY A 356 -6.71 -30.35 -7.86
C GLY A 356 -8.00 -29.57 -7.64
N ARG A 357 -7.96 -28.55 -6.79
CA ARG A 357 -9.16 -27.76 -6.55
C ARG A 357 -8.97 -26.31 -6.99
N LYS A 358 -10.00 -25.76 -7.62
CA LYS A 358 -9.95 -24.38 -8.08
C LYS A 358 -10.35 -23.42 -6.97
N ARG A 359 -11.16 -23.90 -6.03
CA ARG A 359 -11.62 -23.09 -4.92
C ARG A 359 -11.35 -23.78 -3.59
N LYS A 360 -10.92 -23.02 -2.58
CA LYS A 360 -10.65 -23.60 -1.27
C LYS A 360 -11.89 -24.31 -0.75
N GLY A 361 -11.69 -25.48 -0.16
CA GLY A 361 -12.81 -26.23 0.39
C GLY A 361 -13.48 -27.24 -0.52
N GLU A 362 -13.26 -27.13 -1.83
CA GLU A 362 -13.85 -28.07 -2.77
C GLU A 362 -13.17 -29.43 -2.69
N PRO A 363 -13.94 -30.52 -2.88
CA PRO A 363 -13.33 -31.84 -2.81
C PRO A 363 -12.62 -32.09 -4.15
N ILE A 364 -11.83 -33.16 -4.22
CA ILE A 364 -11.12 -33.48 -5.46
C ILE A 364 -11.22 -34.96 -5.78
N ASP A 365 -10.83 -35.31 -7.01
CA ASP A 365 -10.84 -36.70 -7.46
C ASP A 365 -9.44 -37.23 -7.17
N HIS A 366 -9.33 -38.18 -6.24
CA HIS A 366 -8.03 -38.72 -5.86
C HIS A 366 -7.46 -39.76 -6.82
N GLY A 367 -8.26 -40.19 -7.79
CA GLY A 367 -7.81 -41.22 -8.72
C GLY A 367 -7.16 -40.77 -10.01
N VAL A 368 -7.26 -39.48 -10.33
CA VAL A 368 -6.65 -38.97 -11.56
C VAL A 368 -5.23 -38.48 -11.31
N GLY A 369 -4.47 -38.32 -12.37
CA GLY A 369 -3.10 -37.87 -12.22
C GLY A 369 -2.24 -38.19 -13.42
N VAL A 370 -0.93 -38.04 -13.25
CA VAL A 370 0.02 -38.28 -14.32
C VAL A 370 1.17 -39.14 -13.83
N TYR A 371 1.67 -40.01 -14.71
CA TYR A 371 2.82 -40.84 -14.36
C TYR A 371 3.82 -40.58 -15.46
N LEU A 372 4.94 -39.96 -15.07
CA LEU A 372 5.99 -39.60 -16.03
C LEU A 372 6.87 -40.79 -16.35
N LEU A 373 6.84 -41.23 -17.60
CA LEU A 373 7.64 -42.37 -18.03
C LEU A 373 9.03 -41.91 -18.49
N LYS A 374 9.11 -40.68 -18.96
CA LYS A 374 10.37 -40.11 -19.43
C LYS A 374 10.73 -38.87 -18.61
N LYS A 375 11.90 -38.92 -17.97
CA LYS A 375 12.38 -37.82 -17.14
C LYS A 375 13.63 -37.23 -17.81
N PRO A 376 14.07 -36.04 -17.36
CA PRO A 376 15.26 -35.44 -17.96
C PRO A 376 16.39 -36.44 -18.15
N GLY A 377 17.05 -36.37 -19.30
CA GLY A 377 18.14 -37.28 -19.59
C GLY A 377 17.71 -38.44 -20.47
N ASP A 378 16.44 -38.83 -20.38
CA ASP A 378 15.92 -39.95 -21.16
C ASP A 378 15.75 -39.63 -22.64
N ARG A 379 16.09 -40.61 -23.48
CA ARG A 379 15.95 -40.46 -24.92
C ARG A 379 14.56 -40.96 -25.27
N VAL A 380 13.87 -40.23 -26.12
CA VAL A 380 12.53 -40.63 -26.52
C VAL A 380 12.36 -40.58 -28.04
N GLU A 381 11.74 -41.61 -28.58
CA GLU A 381 11.50 -41.69 -30.01
C GLU A 381 10.06 -41.27 -30.30
N ARG A 382 9.84 -40.75 -31.50
CA ARG A 382 8.51 -40.30 -31.89
C ARG A 382 7.48 -41.42 -31.71
N GLY A 383 6.32 -41.07 -31.13
CA GLY A 383 5.28 -42.06 -30.91
C GLY A 383 5.40 -42.81 -29.60
N GLU A 384 6.56 -42.69 -28.96
CA GLU A 384 6.80 -43.36 -27.68
C GLU A 384 6.06 -42.61 -26.57
N ALA A 385 5.58 -43.35 -25.58
CA ALA A 385 4.84 -42.75 -24.48
C ALA A 385 5.73 -41.94 -23.53
N LEU A 386 5.43 -40.65 -23.42
CA LEU A 386 6.17 -39.76 -22.53
C LEU A 386 5.66 -39.94 -21.11
N ALA A 387 4.33 -40.14 -21.03
CA ALA A 387 3.66 -40.23 -19.75
C ALA A 387 2.34 -40.98 -19.89
N LEU A 388 1.82 -41.41 -18.73
CA LEU A 388 0.48 -41.96 -18.71
C LEU A 388 -0.43 -41.02 -17.96
N VAL A 389 -1.58 -40.71 -18.56
CA VAL A 389 -2.53 -39.80 -17.95
C VAL A 389 -3.74 -40.58 -17.47
N TYR A 390 -4.08 -40.41 -16.19
CA TYR A 390 -5.24 -41.09 -15.61
C TYR A 390 -6.33 -40.05 -15.50
N HIS A 391 -7.39 -40.24 -16.27
CA HIS A 391 -8.49 -39.30 -16.33
C HIS A 391 -9.86 -39.92 -16.06
N ARG A 392 -10.82 -39.04 -15.79
CA ARG A 392 -12.20 -39.42 -15.52
C ARG A 392 -13.05 -38.75 -16.61
N ARG A 393 -12.53 -38.79 -17.84
CA ARG A 393 -13.20 -38.18 -18.98
C ARG A 393 -13.65 -36.75 -18.70
N ARG A 394 -12.78 -36.00 -18.04
CA ARG A 394 -13.04 -34.60 -17.71
C ARG A 394 -11.77 -33.80 -17.98
N GLY A 395 -11.89 -32.75 -18.78
CA GLY A 395 -10.75 -31.91 -19.09
C GLY A 395 -9.49 -32.60 -19.60
N LEU A 396 -9.66 -33.71 -20.31
CA LEU A 396 -8.51 -34.44 -20.83
C LEU A 396 -7.75 -33.66 -21.90
N GLU A 397 -8.48 -32.96 -22.76
CA GLU A 397 -7.85 -32.18 -23.82
C GLU A 397 -6.96 -31.09 -23.23
N GLU A 398 -7.47 -30.37 -22.23
CA GLU A 398 -6.68 -29.32 -21.61
C GLU A 398 -5.46 -29.93 -20.92
N ALA A 399 -5.67 -31.02 -20.21
CA ALA A 399 -4.59 -31.70 -19.49
C ALA A 399 -3.46 -32.12 -20.43
N LEU A 400 -3.82 -32.72 -21.56
CA LEU A 400 -2.82 -33.16 -22.54
C LEU A 400 -2.09 -31.95 -23.09
N GLY A 401 -2.81 -30.84 -23.23
CA GLY A 401 -2.18 -29.62 -23.72
C GLY A 401 -1.11 -29.13 -22.77
N HIS A 402 -1.45 -29.08 -21.49
CA HIS A 402 -0.49 -28.64 -20.47
C HIS A 402 0.69 -29.61 -20.36
N LEU A 403 0.41 -30.90 -20.40
CA LEU A 403 1.47 -31.90 -20.26
C LEU A 403 2.46 -31.82 -21.42
N ARG A 404 1.94 -31.60 -22.63
CA ARG A 404 2.82 -31.48 -23.79
C ARG A 404 3.70 -30.24 -23.64
N GLU A 405 3.12 -29.14 -23.18
CA GLU A 405 3.86 -27.89 -22.98
C GLU A 405 4.93 -28.07 -21.91
N ALA A 406 4.63 -28.90 -20.91
CA ALA A 406 5.57 -29.13 -19.82
C ALA A 406 6.86 -29.78 -20.31
N TYR A 407 6.74 -30.68 -21.28
CA TYR A 407 7.91 -31.39 -21.80
C TYR A 407 8.77 -30.57 -22.76
N ALA A 408 10.07 -30.55 -22.48
CA ALA A 408 11.03 -29.84 -23.30
C ALA A 408 12.10 -30.84 -23.74
N LEU A 409 12.15 -31.09 -25.04
CA LEU A 409 13.07 -32.05 -25.66
C LEU A 409 14.19 -31.34 -26.41
N GLY A 410 15.31 -32.04 -26.60
CA GLY A 410 16.42 -31.49 -27.37
C GLY A 410 17.30 -32.59 -27.92
N GLU A 411 18.49 -32.23 -28.37
CA GLU A 411 19.43 -33.20 -28.92
C GLU A 411 20.25 -33.82 -27.79
N GLU A 412 20.45 -33.05 -26.73
CA GLU A 412 21.25 -33.50 -25.59
C GLU A 412 20.67 -33.03 -24.26
N ALA A 413 20.97 -33.75 -23.20
CA ALA A 413 20.49 -33.40 -21.87
C ALA A 413 21.59 -33.46 -20.81
N HIS A 414 21.77 -32.36 -20.08
CA HIS A 414 22.77 -32.27 -19.04
C HIS A 414 22.04 -31.98 -17.73
N PRO A 415 21.26 -32.94 -17.24
CA PRO A 415 20.50 -32.77 -15.98
C PRO A 415 21.35 -32.25 -14.83
N ALA A 416 20.91 -31.15 -14.24
CA ALA A 416 21.62 -30.53 -13.13
C ALA A 416 21.53 -31.39 -11.87
N PRO A 417 22.46 -31.15 -10.92
CA PRO A 417 22.46 -31.92 -9.67
C PRO A 417 21.11 -31.75 -8.97
N LEU A 418 20.62 -32.83 -8.36
CA LEU A 418 19.35 -32.78 -7.66
C LEU A 418 19.50 -31.96 -6.38
N VAL A 419 20.55 -32.24 -5.62
CA VAL A 419 20.82 -31.51 -4.37
C VAL A 419 21.98 -30.56 -4.63
N LEU A 420 21.72 -29.25 -4.49
CA LEU A 420 22.75 -28.25 -4.73
C LEU A 420 23.69 -28.00 -3.57
N GLU A 421 23.12 -27.70 -2.40
CA GLU A 421 23.92 -27.41 -1.23
C GLU A 421 23.05 -27.35 0.03
N ALA A 422 23.71 -27.35 1.19
CA ALA A 422 23.02 -27.27 2.47
C ALA A 422 23.46 -25.99 3.18
N ILE A 423 22.53 -25.33 3.86
CA ILE A 423 22.83 -24.09 4.56
C ILE A 423 22.27 -24.09 5.99
N MET B 1 -4.86 -5.26 -17.45
CA MET B 1 -4.17 -6.24 -16.57
C MET B 1 -4.88 -6.29 -15.23
N ASN B 2 -4.75 -7.42 -14.53
CA ASN B 2 -5.39 -7.56 -13.22
C ASN B 2 -4.76 -6.59 -12.23
N PRO B 3 -5.51 -6.22 -11.18
CA PRO B 3 -5.06 -5.29 -10.14
C PRO B 3 -3.75 -5.67 -9.46
N VAL B 4 -3.59 -6.96 -9.16
CA VAL B 4 -2.36 -7.42 -8.50
C VAL B 4 -1.13 -7.21 -9.38
N ALA B 5 -1.29 -7.40 -10.68
CA ALA B 5 -0.18 -7.22 -11.63
C ALA B 5 0.13 -5.74 -11.77
N PHE B 6 -0.89 -4.90 -11.66
CA PHE B 6 -0.70 -3.46 -11.76
C PHE B 6 0.13 -2.99 -10.57
N ILE B 7 -0.26 -3.44 -9.37
CA ILE B 7 0.48 -3.09 -8.16
C ILE B 7 1.92 -3.58 -8.28
N ARG B 8 2.08 -4.86 -8.64
CA ARG B 8 3.42 -5.44 -8.77
C ARG B 8 4.29 -4.64 -9.73
N GLU B 9 3.68 -4.16 -10.81
CA GLU B 9 4.39 -3.38 -11.81
C GLU B 9 5.04 -2.12 -11.20
N LYS B 10 4.30 -1.39 -10.38
CA LYS B 10 4.84 -0.18 -9.76
C LYS B 10 5.83 -0.57 -8.65
N ARG B 11 5.53 -1.64 -7.93
CA ARG B 11 6.39 -2.13 -6.88
C ARG B 11 7.80 -2.40 -7.44
N GLU B 12 7.85 -2.84 -8.69
CA GLU B 12 9.13 -3.13 -9.33
C GLU B 12 9.80 -1.90 -9.96
N GLY B 13 9.15 -0.75 -9.81
CA GLY B 13 9.71 0.48 -10.36
C GLY B 13 9.50 0.66 -11.84
N LYS B 14 8.58 -0.11 -12.41
CA LYS B 14 8.29 -0.01 -13.84
C LYS B 14 7.29 1.10 -14.11
N LYS B 15 7.25 1.56 -15.36
CA LYS B 15 6.34 2.63 -15.76
C LYS B 15 5.04 2.03 -16.31
N HIS B 16 3.90 2.56 -15.86
CA HIS B 16 2.60 2.06 -16.30
C HIS B 16 2.23 2.51 -17.72
N ARG B 17 1.35 1.75 -18.35
CA ARG B 17 0.85 2.11 -19.66
C ARG B 17 -0.35 2.97 -19.31
N ARG B 18 -0.57 4.06 -20.02
CA ARG B 18 -1.69 4.95 -19.71
C ARG B 18 -3.02 4.21 -19.49
N GLU B 19 -3.40 3.38 -20.45
CA GLU B 19 -4.65 2.63 -20.38
C GLU B 19 -4.80 1.80 -19.11
N ASP B 20 -3.71 1.21 -18.63
CA ASP B 20 -3.78 0.40 -17.42
C ASP B 20 -3.97 1.26 -16.17
N LEU B 21 -3.32 2.42 -16.13
CA LEU B 21 -3.46 3.32 -15.00
C LEU B 21 -4.90 3.83 -14.93
N GLU B 22 -5.46 4.15 -16.08
CA GLU B 22 -6.83 4.63 -16.13
C GLU B 22 -7.80 3.54 -15.68
N ALA B 23 -7.60 2.32 -16.19
CA ALA B 23 -8.47 1.19 -15.85
C ALA B 23 -8.45 0.87 -14.35
N PHE B 24 -7.27 0.90 -13.76
CA PHE B 24 -7.11 0.61 -12.33
C PHE B 24 -7.83 1.65 -11.47
N LEU B 25 -7.60 2.92 -11.76
CA LEU B 25 -8.22 4.00 -11.00
C LEU B 25 -9.71 4.15 -11.23
N LEU B 26 -10.16 4.05 -12.48
CA LEU B 26 -11.58 4.18 -12.75
C LEU B 26 -12.28 2.99 -12.10
N GLY B 27 -11.57 1.86 -12.04
CA GLY B 27 -12.12 0.68 -11.41
C GLY B 27 -12.30 0.93 -9.92
N TYR B 28 -11.38 1.71 -9.36
CA TYR B 28 -11.44 2.04 -7.94
C TYR B 28 -12.59 3.02 -7.67
N LEU B 29 -12.76 3.98 -8.57
CA LEU B 29 -13.82 4.97 -8.42
C LEU B 29 -15.18 4.27 -8.43
N ARG B 30 -15.30 3.20 -9.22
CA ARG B 30 -16.55 2.46 -9.32
C ARG B 30 -16.66 1.32 -8.31
N ASP B 31 -15.76 1.33 -7.32
CA ASP B 31 -15.73 0.30 -6.28
C ASP B 31 -15.59 -1.12 -6.81
N GLU B 32 -14.81 -1.29 -7.86
CA GLU B 32 -14.58 -2.60 -8.44
C GLU B 32 -13.20 -3.08 -7.98
N VAL B 33 -12.40 -2.11 -7.51
CA VAL B 33 -11.05 -2.39 -7.00
C VAL B 33 -11.05 -1.99 -5.53
N PRO B 34 -10.78 -2.95 -4.63
CA PRO B 34 -10.74 -2.73 -3.18
C PRO B 34 -9.75 -1.67 -2.71
N ASP B 35 -10.06 -1.02 -1.59
CA ASP B 35 -9.19 0.00 -1.04
C ASP B 35 -7.80 -0.51 -0.68
N TYR B 36 -7.73 -1.74 -0.16
CA TYR B 36 -6.42 -2.30 0.21
C TYR B 36 -5.49 -2.54 -0.99
N GLN B 37 -6.04 -2.65 -2.19
CA GLN B 37 -5.19 -2.83 -3.36
C GLN B 37 -4.70 -1.46 -3.82
N VAL B 38 -5.57 -0.47 -3.70
CA VAL B 38 -5.22 0.90 -4.10
C VAL B 38 -4.19 1.50 -3.13
N SER B 39 -4.27 1.17 -1.85
CA SER B 39 -3.31 1.71 -0.90
C SER B 39 -1.95 1.05 -1.09
N ALA B 40 -1.97 -0.22 -1.49
CA ALA B 40 -0.72 -0.94 -1.75
C ALA B 40 -0.05 -0.26 -2.94
N TRP B 41 -0.85 0.08 -3.96
CA TRP B 41 -0.31 0.76 -5.13
C TRP B 41 0.18 2.17 -4.75
N LEU B 42 -0.60 2.87 -3.93
CA LEU B 42 -0.22 4.22 -3.51
C LEU B 42 1.15 4.20 -2.83
N MET B 43 1.39 3.21 -1.99
CA MET B 43 2.67 3.12 -1.29
C MET B 43 3.79 2.80 -2.29
N ALA B 44 3.49 1.96 -3.28
CA ALA B 44 4.48 1.62 -4.30
C ALA B 44 4.82 2.88 -5.09
N ALA B 45 3.80 3.65 -5.46
CA ALA B 45 4.03 4.88 -6.23
C ALA B 45 4.82 5.89 -5.40
N PHE B 46 4.51 5.93 -4.11
CA PHE B 46 5.19 6.84 -3.19
C PHE B 46 6.68 6.52 -3.13
N LEU B 47 7.00 5.25 -2.93
CA LEU B 47 8.40 4.82 -2.81
C LEU B 47 9.17 4.60 -4.11
N ARG B 48 8.50 4.14 -5.17
CA ARG B 48 9.20 3.92 -6.44
C ARG B 48 9.07 5.11 -7.39
N GLY B 49 8.05 5.93 -7.16
CA GLY B 49 7.86 7.11 -8.00
C GLY B 49 7.01 7.00 -9.23
N LEU B 50 6.60 8.18 -9.72
CA LEU B 50 5.81 8.30 -10.92
C LEU B 50 6.59 9.27 -11.78
N ASP B 51 6.79 8.95 -13.05
CA ASP B 51 7.54 9.86 -13.91
C ASP B 51 6.61 10.96 -14.43
N PRO B 52 7.16 11.96 -15.15
CA PRO B 52 6.31 13.05 -15.66
C PRO B 52 5.04 12.63 -16.41
N GLU B 53 5.14 11.69 -17.34
CA GLU B 53 3.95 11.25 -18.07
C GLU B 53 2.94 10.57 -17.15
N GLU B 54 3.41 9.68 -16.28
CA GLU B 54 2.52 9.00 -15.34
C GLU B 54 1.81 10.03 -14.47
N THR B 55 2.55 11.02 -14.01
CA THR B 55 1.98 12.07 -13.17
C THR B 55 0.91 12.82 -13.97
N LEU B 56 1.17 13.06 -15.25
CA LEU B 56 0.21 13.75 -16.09
C LEU B 56 -1.05 12.90 -16.28
N TRP B 57 -0.85 11.63 -16.61
CA TRP B 57 -1.97 10.74 -16.82
C TRP B 57 -2.82 10.59 -15.56
N LEU B 58 -2.19 10.56 -14.41
CA LEU B 58 -2.91 10.44 -13.14
C LEU B 58 -3.77 11.69 -12.98
N THR B 59 -3.18 12.84 -13.26
CA THR B 59 -3.90 14.11 -13.16
C THR B 59 -5.10 14.12 -14.10
N GLU B 60 -4.87 13.77 -15.36
CA GLU B 60 -5.94 13.76 -16.37
C GLU B 60 -7.06 12.79 -16.02
N THR B 61 -6.70 11.63 -15.48
CA THR B 61 -7.67 10.62 -15.10
C THR B 61 -8.58 11.11 -13.99
N MET B 62 -8.00 11.77 -13.00
CA MET B 62 -8.80 12.30 -11.91
C MET B 62 -9.61 13.50 -12.36
N ALA B 63 -9.02 14.31 -13.24
CA ALA B 63 -9.69 15.51 -13.74
C ALA B 63 -11.00 15.21 -14.48
N ARG B 64 -11.00 14.15 -15.28
CA ARG B 64 -12.20 13.81 -16.04
C ARG B 64 -13.08 12.74 -15.39
N SER B 65 -12.81 12.42 -14.13
CA SER B 65 -13.60 11.40 -13.44
C SER B 65 -15.03 11.85 -13.12
N GLY B 66 -15.27 13.16 -13.22
CA GLY B 66 -16.59 13.69 -12.95
C GLY B 66 -16.97 14.78 -13.94
N LYS B 67 -17.51 15.89 -13.43
CA LYS B 67 -17.89 17.02 -14.26
C LYS B 67 -16.66 17.83 -14.67
N VAL B 68 -16.70 18.37 -15.89
CA VAL B 68 -15.62 19.19 -16.40
C VAL B 68 -16.22 20.48 -16.93
N LEU B 69 -15.95 21.59 -16.23
CA LEU B 69 -16.49 22.88 -16.61
C LEU B 69 -15.92 23.41 -17.91
N ASP B 70 -16.79 23.97 -18.75
CA ASP B 70 -16.36 24.52 -20.03
C ASP B 70 -16.40 26.04 -20.00
N LEU B 71 -15.23 26.66 -19.98
CA LEU B 71 -15.12 28.12 -19.95
C LEU B 71 -14.55 28.66 -21.26
N SER B 72 -14.43 27.79 -22.26
CA SER B 72 -13.85 28.17 -23.55
C SER B 72 -14.47 29.40 -24.24
N GLY B 73 -15.72 29.70 -23.94
CA GLY B 73 -16.37 30.84 -24.57
C GLY B 73 -16.19 32.16 -23.83
N LEU B 74 -15.65 32.09 -22.62
CA LEU B 74 -15.44 33.27 -21.79
C LEU B 74 -14.05 33.87 -22.02
N PRO B 75 -13.93 35.20 -21.90
CA PRO B 75 -12.64 35.86 -22.10
C PRO B 75 -11.60 35.59 -21.02
N HIS B 76 -10.39 35.25 -21.45
CA HIS B 76 -9.25 35.01 -20.58
C HIS B 76 -9.56 34.37 -19.23
N PRO B 77 -9.96 33.09 -19.20
CA PRO B 77 -10.27 32.42 -17.94
C PRO B 77 -9.00 32.13 -17.15
N VAL B 78 -8.94 32.63 -15.91
CA VAL B 78 -7.76 32.42 -15.09
C VAL B 78 -8.14 31.97 -13.69
N ASP B 79 -7.14 31.58 -12.91
CA ASP B 79 -7.37 31.17 -11.55
C ASP B 79 -6.07 31.23 -10.76
N LYS B 80 -6.20 31.25 -9.45
CA LYS B 80 -5.05 31.28 -8.54
C LYS B 80 -5.27 30.18 -7.53
N HIS B 81 -4.23 29.41 -7.23
CA HIS B 81 -4.33 28.35 -6.24
C HIS B 81 -3.27 28.54 -5.18
N SER B 82 -3.65 28.35 -3.92
CA SER B 82 -2.73 28.49 -2.81
C SER B 82 -2.31 27.15 -2.22
N SER B 83 -1.02 26.83 -2.31
CA SER B 83 -0.48 25.59 -1.79
C SER B 83 0.31 25.88 -0.51
N GLY B 84 0.03 25.12 0.54
CA GLY B 84 0.72 25.34 1.80
C GLY B 84 0.17 26.59 2.47
N GLY B 85 0.69 26.94 3.64
CA GLY B 85 0.20 28.10 4.34
C GLY B 85 -1.03 27.84 5.19
N VAL B 86 -1.74 28.90 5.56
CA VAL B 86 -2.92 28.76 6.40
C VAL B 86 -4.20 29.31 5.79
N GLY B 87 -4.24 29.39 4.46
CA GLY B 87 -5.41 29.89 3.77
C GLY B 87 -5.66 31.39 4.00
N ASP B 88 -4.92 32.24 3.27
CA ASP B 88 -5.08 33.68 3.43
C ASP B 88 -6.16 34.32 2.57
N LYS B 89 -6.27 35.64 2.66
CA LYS B 89 -7.30 36.39 1.94
C LYS B 89 -6.86 36.98 0.60
N VAL B 90 -5.69 36.59 0.09
CA VAL B 90 -5.23 37.16 -1.17
C VAL B 90 -6.23 37.05 -2.30
N SER B 91 -6.97 35.95 -2.36
CA SER B 91 -7.95 35.76 -3.43
C SER B 91 -9.08 36.81 -3.39
N LEU B 92 -9.42 37.28 -2.21
CA LEU B 92 -10.47 38.29 -2.06
C LEU B 92 -10.06 39.57 -2.77
N VAL B 93 -8.76 39.71 -3.02
CA VAL B 93 -8.25 40.90 -3.70
C VAL B 93 -7.80 40.57 -5.13
N VAL B 94 -7.16 39.43 -5.32
CA VAL B 94 -6.68 39.04 -6.64
C VAL B 94 -7.83 38.80 -7.62
N GLY B 95 -8.89 38.15 -7.15
CA GLY B 95 -10.03 37.88 -8.01
C GLY B 95 -10.61 39.14 -8.61
N PRO B 96 -11.02 40.10 -7.77
CA PRO B 96 -11.59 41.39 -8.20
C PRO B 96 -10.65 42.15 -9.14
N ILE B 97 -9.36 42.11 -8.84
CA ILE B 97 -8.38 42.80 -9.67
C ILE B 97 -8.35 42.21 -11.08
N LEU B 98 -8.24 40.90 -11.17
CA LEU B 98 -8.19 40.24 -12.48
C LEU B 98 -9.50 40.37 -13.23
N ALA B 99 -10.63 40.23 -12.54
CA ALA B 99 -11.93 40.35 -13.19
C ALA B 99 -12.11 41.78 -13.74
N ALA B 100 -11.44 42.74 -13.10
CA ALA B 100 -11.52 44.14 -13.52
C ALA B 100 -10.44 44.48 -14.54
N SER B 101 -9.61 43.49 -14.89
CA SER B 101 -8.54 43.69 -15.88
C SER B 101 -8.86 42.96 -17.17
N GLY B 102 -10.10 42.51 -17.31
CA GLY B 102 -10.51 41.83 -18.52
C GLY B 102 -10.50 40.30 -18.49
N CYS B 103 -10.15 39.72 -17.35
CA CYS B 103 -10.10 38.26 -17.24
C CYS B 103 -11.37 37.75 -16.58
N THR B 104 -11.57 36.44 -16.66
CA THR B 104 -12.69 35.80 -16.02
C THR B 104 -12.09 35.01 -14.87
N PHE B 105 -12.50 35.31 -13.64
CA PHE B 105 -11.98 34.62 -12.46
C PHE B 105 -13.18 33.87 -11.89
N ALA B 106 -13.37 32.65 -12.39
CA ALA B 106 -14.48 31.79 -11.97
C ALA B 106 -13.85 30.52 -11.39
N LYS B 107 -13.96 30.34 -10.08
CA LYS B 107 -13.32 29.19 -9.45
C LYS B 107 -14.07 28.59 -8.27
N MET B 108 -13.58 27.45 -7.80
CA MET B 108 -14.16 26.74 -6.66
C MET B 108 -13.23 26.91 -5.46
N SER B 109 -13.77 27.36 -4.34
CA SER B 109 -12.95 27.54 -3.15
C SER B 109 -13.40 26.59 -2.06
N GLY B 110 -12.63 26.50 -0.99
CA GLY B 110 -12.98 25.57 0.07
C GLY B 110 -13.15 26.20 1.44
N ARG B 111 -13.25 25.33 2.43
CA ARG B 111 -13.42 25.78 3.80
C ARG B 111 -12.18 25.47 4.61
N GLY B 112 -12.04 26.17 5.73
CA GLY B 112 -10.89 25.95 6.56
C GLY B 112 -11.11 24.77 7.49
N LEU B 113 -10.02 24.33 8.11
CA LEU B 113 -10.08 23.23 9.06
C LEU B 113 -8.97 23.49 10.06
N ALA B 114 -9.31 23.40 11.33
CA ALA B 114 -8.36 23.63 12.42
C ALA B 114 -7.75 25.04 12.34
N HIS B 115 -6.43 25.10 12.23
CA HIS B 115 -5.71 26.37 12.16
C HIS B 115 -5.79 27.08 10.82
N THR B 116 -6.41 26.46 9.82
CA THR B 116 -6.49 27.09 8.50
C THR B 116 -7.85 27.71 8.23
N GLY B 117 -7.85 28.75 7.42
CA GLY B 117 -9.09 29.44 7.07
C GLY B 117 -9.49 29.04 5.67
N GLY B 118 -10.68 29.46 5.23
CA GLY B 118 -11.14 29.14 3.91
C GLY B 118 -11.91 30.30 3.32
N THR B 119 -11.76 30.51 2.01
CA THR B 119 -12.42 31.61 1.33
C THR B 119 -13.95 31.55 1.40
N ILE B 120 -14.51 30.35 1.31
CA ILE B 120 -15.96 30.18 1.40
C ILE B 120 -16.45 30.65 2.77
N ASP B 121 -15.75 30.24 3.83
CA ASP B 121 -16.13 30.65 5.19
C ASP B 121 -16.06 32.17 5.32
N LYS B 122 -14.98 32.76 4.82
CA LYS B 122 -14.82 34.21 4.92
C LYS B 122 -15.94 34.97 4.24
N LEU B 123 -16.23 34.61 2.99
CA LEU B 123 -17.26 35.30 2.23
C LEU B 123 -18.68 35.14 2.81
N GLU B 124 -18.92 34.04 3.51
CA GLU B 124 -20.24 33.84 4.10
C GLU B 124 -20.50 34.87 5.21
N SER B 125 -19.45 35.56 5.66
CA SER B 125 -19.65 36.57 6.70
C SER B 125 -20.46 37.75 6.12
N VAL B 126 -20.44 37.91 4.80
CA VAL B 126 -21.21 38.96 4.13
C VAL B 126 -22.65 38.42 4.16
N PRO B 127 -23.57 39.08 4.88
CA PRO B 127 -24.94 38.55 4.95
C PRO B 127 -25.62 38.29 3.61
N GLY B 128 -26.02 37.02 3.44
CA GLY B 128 -26.71 36.61 2.22
C GLY B 128 -25.84 35.88 1.21
N TRP B 129 -24.54 36.14 1.26
CA TRP B 129 -23.63 35.52 0.31
C TRP B 129 -23.52 34.01 0.52
N ARG B 130 -23.61 33.27 -0.57
CA ARG B 130 -23.49 31.80 -0.53
C ARG B 130 -22.70 31.36 -1.75
N GLY B 131 -21.97 30.26 -1.60
CA GLY B 131 -21.17 29.72 -2.69
C GLY B 131 -21.80 28.55 -3.42
N GLU B 132 -22.96 28.07 -2.93
CA GLU B 132 -23.66 26.97 -3.60
C GLU B 132 -24.42 27.56 -4.77
N MET B 133 -24.29 26.95 -5.95
CA MET B 133 -24.99 27.44 -7.14
C MET B 133 -24.97 26.34 -8.19
N THR B 134 -25.91 26.41 -9.14
CA THR B 134 -25.97 25.42 -10.21
C THR B 134 -24.88 25.71 -11.25
N GLU B 135 -24.61 24.74 -12.10
CA GLU B 135 -23.61 24.94 -13.14
C GLU B 135 -24.07 26.09 -14.03
N ALA B 136 -25.37 26.16 -14.28
CA ALA B 136 -25.92 27.22 -15.13
C ALA B 136 -25.71 28.60 -14.51
N GLU B 137 -25.89 28.70 -13.19
CA GLU B 137 -25.71 29.98 -12.51
C GLU B 137 -24.24 30.34 -12.52
N PHE B 138 -23.38 29.34 -12.35
CA PHE B 138 -21.94 29.55 -12.33
C PHE B 138 -21.49 30.20 -13.65
N LEU B 139 -21.93 29.62 -14.76
CA LEU B 139 -21.55 30.13 -16.07
C LEU B 139 -22.16 31.49 -16.38
N GLU B 140 -23.39 31.70 -15.96
CA GLU B 140 -24.08 32.96 -16.19
C GLU B 140 -23.38 34.11 -15.45
N ARG B 141 -22.98 33.84 -14.20
CA ARG B 141 -22.29 34.85 -13.41
C ARG B 141 -20.88 35.07 -13.94
N ALA B 142 -20.24 34.01 -14.39
CA ALA B 142 -18.90 34.12 -14.94
C ALA B 142 -18.91 35.05 -16.17
N ARG B 143 -19.95 34.91 -16.98
CA ARG B 143 -20.08 35.71 -18.19
C ARG B 143 -20.51 37.15 -17.90
N ARG B 144 -21.48 37.32 -17.02
CA ARG B 144 -22.00 38.65 -16.69
C ARG B 144 -21.16 39.47 -15.73
N VAL B 145 -20.68 38.84 -14.66
CA VAL B 145 -19.87 39.55 -13.66
C VAL B 145 -18.38 39.39 -13.89
N GLY B 146 -17.95 38.19 -14.29
CA GLY B 146 -16.54 37.97 -14.55
C GLY B 146 -15.80 37.45 -13.33
N LEU B 147 -16.48 37.48 -12.19
CA LEU B 147 -15.91 37.00 -10.93
C LEU B 147 -16.95 36.13 -10.24
N VAL B 148 -16.62 34.87 -10.01
CA VAL B 148 -17.51 33.95 -9.33
C VAL B 148 -16.68 32.98 -8.50
N ILE B 149 -17.11 32.79 -7.26
CA ILE B 149 -16.43 31.89 -6.33
C ILE B 149 -17.49 30.94 -5.78
N ALA B 150 -17.37 29.66 -6.13
CA ALA B 150 -18.35 28.68 -5.70
C ALA B 150 -17.76 27.67 -4.72
N ALA B 151 -18.62 27.06 -3.91
CA ALA B 151 -18.18 26.06 -2.95
C ALA B 151 -17.82 24.80 -3.73
N GLN B 152 -16.72 24.17 -3.37
CA GLN B 152 -16.30 22.95 -4.06
C GLN B 152 -17.35 21.86 -3.86
N SER B 153 -17.55 21.05 -4.89
CA SER B 153 -18.52 19.95 -4.85
C SER B 153 -17.85 18.66 -5.31
N PRO B 154 -18.31 17.51 -4.78
CA PRO B 154 -17.74 16.21 -5.15
C PRO B 154 -17.92 15.91 -6.63
N ASP B 155 -18.62 16.79 -7.33
CA ASP B 155 -18.87 16.64 -8.76
C ASP B 155 -17.60 16.75 -9.59
N LEU B 156 -16.68 17.61 -9.16
CA LEU B 156 -15.44 17.80 -9.88
C LEU B 156 -14.32 16.93 -9.34
N ALA B 157 -13.66 16.19 -10.24
CA ALA B 157 -12.57 15.31 -9.87
C ALA B 157 -12.87 14.46 -8.65
N PRO B 158 -14.00 13.72 -8.69
CA PRO B 158 -14.37 12.86 -7.55
C PRO B 158 -13.33 11.79 -7.25
N LEU B 159 -12.56 11.39 -8.26
CA LEU B 159 -11.53 10.37 -8.03
C LEU B 159 -10.46 10.94 -7.11
N ASP B 160 -10.17 12.24 -7.24
CA ASP B 160 -9.18 12.88 -6.39
C ASP B 160 -9.61 12.88 -4.93
N GLY B 161 -10.87 13.21 -4.68
CA GLY B 161 -11.35 13.23 -3.32
C GLY B 161 -11.28 11.85 -2.70
N LYS B 162 -11.59 10.83 -3.48
CA LYS B 162 -11.56 9.46 -3.00
C LYS B 162 -10.11 9.05 -2.71
N LEU B 163 -9.22 9.32 -3.66
CA LEU B 163 -7.81 8.98 -3.47
C LEU B 163 -7.18 9.74 -2.32
N TYR B 164 -7.52 11.01 -2.17
CA TYR B 164 -6.95 11.79 -1.09
C TYR B 164 -7.34 11.26 0.26
N ALA B 165 -8.61 10.87 0.41
CA ALA B 165 -9.09 10.35 1.68
C ALA B 165 -8.35 9.07 2.06
N LEU B 166 -7.99 8.29 1.06
CA LEU B 166 -7.27 7.03 1.29
C LEU B 166 -5.81 7.33 1.64
N ARG B 167 -5.20 8.25 0.89
CA ARG B 167 -3.81 8.62 1.14
C ARG B 167 -3.67 9.17 2.56
N ASP B 168 -4.70 9.90 3.01
CA ASP B 168 -4.68 10.52 4.32
C ASP B 168 -4.68 9.51 5.48
N VAL B 169 -5.08 8.27 5.21
CA VAL B 169 -5.09 7.26 6.27
C VAL B 169 -4.10 6.12 6.00
N THR B 170 -3.26 6.29 4.99
CA THR B 170 -2.26 5.27 4.65
C THR B 170 -0.84 5.82 4.56
N ALA B 171 -0.63 7.04 5.06
CA ALA B 171 0.69 7.66 5.04
C ALA B 171 1.21 7.82 3.61
N THR B 172 0.33 8.16 2.68
CA THR B 172 0.77 8.34 1.30
C THR B 172 0.41 9.73 0.75
N VAL B 173 0.31 10.70 1.64
CA VAL B 173 -0.01 12.07 1.22
C VAL B 173 1.25 12.81 0.73
N GLU B 174 2.27 12.82 1.58
CA GLU B 174 3.52 13.55 1.32
C GLU B 174 4.40 13.14 0.14
N SER B 175 3.80 12.98 -1.03
CA SER B 175 4.55 12.63 -2.24
C SER B 175 4.25 13.70 -3.29
N VAL B 176 5.29 14.38 -3.77
CA VAL B 176 5.08 15.45 -4.75
C VAL B 176 4.20 15.07 -5.94
N PRO B 177 4.47 13.93 -6.60
CA PRO B 177 3.61 13.57 -7.73
C PRO B 177 2.14 13.45 -7.34
N LEU B 178 1.87 12.90 -6.15
CA LEU B 178 0.50 12.74 -5.69
C LEU B 178 -0.13 14.08 -5.30
N ILE B 179 0.66 14.95 -4.66
CA ILE B 179 0.15 16.27 -4.25
C ILE B 179 -0.10 17.12 -5.48
N ALA B 180 0.86 17.15 -6.39
CA ALA B 180 0.75 17.94 -7.62
C ALA B 180 -0.42 17.49 -8.50
N SER B 181 -0.58 16.18 -8.67
CA SER B 181 -1.67 15.68 -9.50
C SER B 181 -3.03 16.00 -8.88
N SER B 182 -3.10 15.95 -7.55
CA SER B 182 -4.33 16.25 -6.83
C SER B 182 -4.75 17.71 -7.07
N ILE B 183 -3.84 18.64 -6.85
CA ILE B 183 -4.14 20.05 -7.05
C ILE B 183 -4.50 20.33 -8.51
N MET B 184 -3.68 19.85 -9.43
CA MET B 184 -3.92 20.10 -10.84
C MET B 184 -5.16 19.41 -11.41
N SER B 185 -5.56 18.26 -10.86
CA SER B 185 -6.75 17.60 -11.39
C SER B 185 -7.96 18.49 -11.17
N LYS B 186 -8.00 19.15 -10.01
CA LYS B 186 -9.12 20.04 -9.70
C LYS B 186 -9.07 21.28 -10.60
N LYS B 187 -7.86 21.77 -10.88
CA LYS B 187 -7.74 22.93 -11.76
C LYS B 187 -8.13 22.57 -13.19
N LEU B 188 -7.74 21.39 -13.65
CA LEU B 188 -8.10 20.99 -15.01
C LEU B 188 -9.62 20.84 -15.12
N ALA B 189 -10.25 20.28 -14.09
CA ALA B 189 -11.70 20.09 -14.11
C ALA B 189 -12.46 21.42 -14.09
N ALA B 190 -11.84 22.43 -13.46
CA ALA B 190 -12.46 23.77 -13.34
C ALA B 190 -12.38 24.62 -14.61
N GLY B 191 -11.54 24.21 -15.57
CA GLY B 191 -11.46 24.90 -16.84
C GLY B 191 -10.72 26.20 -17.12
N ALA B 192 -9.95 26.72 -16.17
CA ALA B 192 -9.21 27.96 -16.45
C ALA B 192 -8.06 27.67 -17.42
N ARG B 193 -7.68 28.65 -18.23
CA ARG B 193 -6.59 28.45 -19.17
C ARG B 193 -5.23 28.75 -18.54
N SER B 194 -5.18 29.80 -17.73
CA SER B 194 -3.93 30.20 -17.06
C SER B 194 -4.12 30.07 -15.56
N ILE B 195 -3.15 29.44 -14.90
CA ILE B 195 -3.22 29.23 -13.46
C ILE B 195 -1.97 29.73 -12.76
N VAL B 196 -2.15 30.61 -11.78
CA VAL B 196 -1.01 31.12 -11.02
C VAL B 196 -1.01 30.42 -9.67
N LEU B 197 0.12 29.86 -9.30
CA LEU B 197 0.23 29.14 -8.04
C LEU B 197 0.97 29.94 -6.98
N ASP B 198 0.36 30.03 -5.80
CA ASP B 198 0.93 30.72 -4.65
C ASP B 198 1.39 29.57 -3.77
N VAL B 199 2.69 29.31 -3.78
CA VAL B 199 3.26 28.20 -3.01
C VAL B 199 4.04 28.63 -1.78
N LYS B 200 3.61 28.18 -0.61
CA LYS B 200 4.31 28.50 0.62
C LYS B 200 5.01 27.23 1.07
N VAL B 201 6.16 27.36 1.72
CA VAL B 201 6.91 26.19 2.17
C VAL B 201 6.20 25.49 3.33
N GLY B 202 6.39 24.17 3.42
CA GLY B 202 5.77 23.40 4.48
C GLY B 202 6.48 23.62 5.80
N ARG B 203 6.10 22.86 6.82
CA ARG B 203 6.70 23.00 8.14
C ARG B 203 7.95 22.12 8.30
N GLY B 204 9.01 22.70 8.83
CA GLY B 204 10.26 21.97 9.03
C GLY B 204 11.49 22.80 8.68
N ALA B 205 12.64 22.15 8.57
CA ALA B 205 13.88 22.85 8.23
C ALA B 205 13.69 23.53 6.86
N PHE B 206 14.09 24.79 6.76
CA PHE B 206 13.92 25.54 5.51
C PHE B 206 14.57 24.93 4.28
N MET B 207 15.76 24.37 4.41
CA MET B 207 16.40 23.79 3.23
C MET B 207 15.58 22.63 2.66
N LYS B 208 14.98 21.82 3.53
CA LYS B 208 14.18 20.70 3.05
C LYS B 208 12.80 21.12 2.56
N THR B 209 12.12 21.99 3.31
CA THR B 209 10.80 22.43 2.92
C THR B 209 10.82 23.28 1.66
N LEU B 210 11.90 24.06 1.48
CA LEU B 210 12.01 24.87 0.28
C LEU B 210 12.26 23.93 -0.90
N GLU B 211 13.10 22.93 -0.68
CA GLU B 211 13.40 21.95 -1.72
C GLU B 211 12.11 21.32 -2.21
N GLU B 212 11.24 20.97 -1.26
CA GLU B 212 9.97 20.34 -1.59
C GLU B 212 9.02 21.30 -2.31
N ALA B 213 8.98 22.55 -1.84
CA ALA B 213 8.11 23.54 -2.47
C ALA B 213 8.56 23.79 -3.91
N ARG B 214 9.87 23.83 -4.12
CA ARG B 214 10.41 24.05 -5.46
C ARG B 214 10.10 22.87 -6.38
N LEU B 215 10.18 21.66 -5.85
CA LEU B 215 9.89 20.48 -6.64
C LEU B 215 8.39 20.44 -6.96
N LEU B 216 7.56 20.81 -5.99
CA LEU B 216 6.12 20.81 -6.20
C LEU B 216 5.77 21.81 -7.30
N ALA B 217 6.32 23.02 -7.22
CA ALA B 217 6.05 24.04 -8.24
C ALA B 217 6.47 23.55 -9.62
N LYS B 218 7.69 23.05 -9.72
CA LYS B 218 8.21 22.54 -11.00
C LYS B 218 7.30 21.45 -11.56
N THR B 219 6.83 20.58 -10.67
CA THR B 219 5.96 19.47 -11.08
C THR B 219 4.61 19.94 -11.57
N MET B 220 3.99 20.88 -10.86
CA MET B 220 2.70 21.38 -11.28
C MET B 220 2.80 22.14 -12.60
N VAL B 221 3.91 22.87 -12.79
CA VAL B 221 4.11 23.58 -14.05
C VAL B 221 4.26 22.57 -15.18
N ALA B 222 4.94 21.45 -14.90
CA ALA B 222 5.13 20.41 -15.91
C ALA B 222 3.78 19.78 -16.31
N ILE B 223 2.95 19.48 -15.32
CA ILE B 223 1.64 18.90 -15.58
C ILE B 223 0.84 19.87 -16.44
N GLY B 224 0.88 21.14 -16.07
CA GLY B 224 0.17 22.16 -16.82
C GLY B 224 0.62 22.19 -18.27
N GLN B 225 1.94 22.20 -18.48
CA GLN B 225 2.49 22.21 -19.84
C GLN B 225 1.98 20.99 -20.61
N GLY B 226 2.04 19.83 -19.97
CA GLY B 226 1.59 18.61 -20.62
C GLY B 226 0.10 18.57 -20.89
N ALA B 227 -0.67 19.27 -20.07
CA ALA B 227 -2.14 19.31 -20.23
C ALA B 227 -2.62 20.42 -21.15
N GLY B 228 -1.71 21.28 -21.59
CA GLY B 228 -2.10 22.37 -22.46
C GLY B 228 -2.58 23.60 -21.71
N ARG B 229 -2.16 23.74 -20.46
CA ARG B 229 -2.54 24.91 -19.66
C ARG B 229 -1.28 25.72 -19.34
N ARG B 230 -1.47 27.02 -19.12
CA ARG B 230 -0.37 27.92 -18.80
C ARG B 230 -0.27 28.05 -17.29
N VAL B 231 0.87 27.66 -16.73
CA VAL B 231 1.05 27.71 -15.29
C VAL B 231 2.33 28.42 -14.88
N ARG B 232 2.25 29.20 -13.81
CA ARG B 232 3.40 29.92 -13.29
C ARG B 232 3.28 29.88 -11.76
N ALA B 233 4.37 29.55 -11.09
CA ALA B 233 4.35 29.49 -9.64
C ALA B 233 5.19 30.57 -8.99
N LEU B 234 4.68 31.14 -7.92
CA LEU B 234 5.40 32.14 -7.14
C LEU B 234 5.49 31.54 -5.75
N LEU B 235 6.72 31.36 -5.25
CA LEU B 235 6.92 30.82 -3.92
C LEU B 235 6.97 32.02 -2.98
N THR B 236 6.05 32.07 -2.02
CA THR B 236 5.97 33.19 -1.10
C THR B 236 6.45 32.84 0.31
N SER B 237 7.00 33.83 1.01
CA SER B 237 7.47 33.60 2.36
C SER B 237 6.31 33.74 3.34
N MET B 238 6.53 33.31 4.57
CA MET B 238 5.48 33.43 5.57
C MET B 238 6.07 33.67 6.95
N GLU B 239 6.71 34.82 7.10
CA GLU B 239 7.30 35.19 8.39
C GLU B 239 6.20 35.76 9.28
N ALA B 240 5.04 35.98 8.69
CA ALA B 240 3.87 36.49 9.39
C ALA B 240 2.67 36.42 8.44
N PRO B 241 1.45 36.41 8.99
CA PRO B 241 0.28 36.35 8.09
C PRO B 241 0.31 37.54 7.16
N LEU B 242 -0.36 37.43 6.01
CA LEU B 242 -0.41 38.51 5.05
C LEU B 242 -1.47 39.51 5.51
N GLY B 243 -1.09 40.77 5.67
CA GLY B 243 -2.05 41.74 6.12
C GLY B 243 -2.11 41.69 7.64
N ARG B 244 -3.16 42.25 8.23
CA ARG B 244 -3.26 42.25 9.68
C ARG B 244 -4.41 41.41 10.23
N ALA B 245 -5.44 41.23 9.42
CA ALA B 245 -6.61 40.50 9.87
C ALA B 245 -6.59 39.00 9.64
N VAL B 246 -6.99 38.26 10.67
CA VAL B 246 -7.06 36.81 10.61
C VAL B 246 -8.40 36.42 11.24
N GLY B 247 -9.26 35.80 10.43
CA GLY B 247 -10.57 35.40 10.90
C GLY B 247 -11.48 35.30 9.69
N ASN B 248 -12.67 35.87 9.79
CA ASN B 248 -13.62 35.81 8.69
C ASN B 248 -14.19 37.19 8.35
N ALA B 249 -15.14 37.67 9.14
CA ALA B 249 -15.68 39.00 8.88
C ALA B 249 -14.54 40.01 8.88
N ILE B 250 -13.59 39.84 9.80
CA ILE B 250 -12.47 40.76 9.91
C ILE B 250 -11.59 40.76 8.67
N GLU B 251 -11.49 39.61 8.00
CA GLU B 251 -10.68 39.51 6.79
C GLU B 251 -11.40 40.14 5.60
N VAL B 252 -12.72 40.05 5.56
CA VAL B 252 -13.47 40.65 4.46
C VAL B 252 -13.35 42.16 4.60
N ARG B 253 -13.41 42.65 5.85
CA ARG B 253 -13.27 44.08 6.09
C ARG B 253 -11.94 44.58 5.54
N GLU B 254 -10.87 43.83 5.80
CA GLU B 254 -9.56 44.23 5.33
C GLU B 254 -9.43 44.17 3.81
N ALA B 255 -10.03 43.14 3.19
CA ALA B 255 -9.99 43.02 1.74
C ALA B 255 -10.66 44.25 1.12
N ILE B 256 -11.79 44.65 1.69
CA ILE B 256 -12.53 45.81 1.21
C ILE B 256 -11.65 47.06 1.33
N GLU B 257 -10.99 47.21 2.48
CA GLU B 257 -10.12 48.36 2.70
C GLU B 257 -8.97 48.37 1.70
N ALA B 258 -8.43 47.19 1.41
CA ALA B 258 -7.33 47.06 0.45
C ALA B 258 -7.81 47.47 -0.95
N LEU B 259 -9.05 47.12 -1.27
CA LEU B 259 -9.61 47.45 -2.58
C LEU B 259 -9.96 48.93 -2.67
N LYS B 260 -10.08 49.59 -1.52
CA LYS B 260 -10.37 51.02 -1.50
C LYS B 260 -9.08 51.82 -1.51
N GLY B 261 -7.94 51.12 -1.55
CA GLY B 261 -6.66 51.77 -1.56
C GLY B 261 -6.16 52.18 -0.18
N GLU B 262 -6.66 51.53 0.86
CA GLU B 262 -6.27 51.84 2.24
C GLU B 262 -5.81 50.59 2.98
N GLY B 263 -5.52 49.53 2.24
CA GLY B 263 -5.11 48.29 2.87
C GLY B 263 -3.63 48.21 3.20
N PRO B 264 -3.19 47.14 3.87
CA PRO B 264 -1.79 46.95 4.23
C PRO B 264 -0.92 46.75 2.99
N GLY B 265 0.28 47.32 3.02
CA GLY B 265 1.19 47.22 1.88
C GLY B 265 1.60 45.82 1.45
N ASP B 266 1.85 44.93 2.41
CA ASP B 266 2.27 43.56 2.08
C ASP B 266 1.20 42.80 1.31
N LEU B 267 -0.03 42.89 1.77
CA LEU B 267 -1.14 42.21 1.10
C LEU B 267 -1.24 42.67 -0.34
N LEU B 268 -1.19 43.99 -0.52
CA LEU B 268 -1.27 44.60 -1.83
C LEU B 268 -0.14 44.15 -2.77
N GLU B 269 1.07 44.12 -2.24
CA GLU B 269 2.23 43.73 -3.04
C GLU B 269 2.09 42.30 -3.57
N VAL B 270 1.72 41.38 -2.69
CA VAL B 270 1.57 39.99 -3.11
C VAL B 270 0.39 39.82 -4.06
N ALA B 271 -0.71 40.51 -3.78
CA ALA B 271 -1.88 40.40 -4.66
C ALA B 271 -1.53 40.87 -6.06
N LEU B 272 -0.84 42.01 -6.17
CA LEU B 272 -0.46 42.52 -7.47
C LEU B 272 0.55 41.62 -8.17
N ALA B 273 1.46 41.02 -7.39
CA ALA B 273 2.44 40.12 -7.98
C ALA B 273 1.73 38.94 -8.65
N LEU B 274 0.76 38.35 -7.96
CA LEU B 274 0.03 37.21 -8.50
C LEU B 274 -0.85 37.62 -9.68
N ALA B 275 -1.53 38.77 -9.56
CA ALA B 275 -2.40 39.24 -10.63
C ALA B 275 -1.56 39.52 -11.89
N GLU B 276 -0.40 40.12 -11.69
CA GLU B 276 0.45 40.43 -12.82
C GLU B 276 0.95 39.18 -13.54
N GLU B 277 1.28 38.13 -12.79
CA GLU B 277 1.72 36.89 -13.42
C GLU B 277 0.60 36.31 -14.27
N ALA B 278 -0.62 36.33 -13.74
CA ALA B 278 -1.78 35.81 -14.46
C ALA B 278 -2.00 36.59 -15.76
N LEU B 279 -1.86 37.91 -15.69
CA LEU B 279 -2.05 38.75 -16.87
C LEU B 279 -0.99 38.39 -17.93
N ARG B 280 0.25 38.21 -17.48
CA ARG B 280 1.34 37.85 -18.40
C ARG B 280 1.05 36.51 -19.07
N LEU B 281 0.63 35.52 -18.28
CA LEU B 281 0.33 34.20 -18.83
C LEU B 281 -0.74 34.30 -19.92
N GLU B 282 -1.66 35.23 -19.76
CA GLU B 282 -2.73 35.43 -20.74
C GLU B 282 -2.36 36.38 -21.86
N GLY B 283 -1.11 36.85 -21.86
CA GLY B 283 -0.65 37.76 -22.88
C GLY B 283 -1.26 39.15 -22.79
N LEU B 284 -1.70 39.53 -21.60
CA LEU B 284 -2.29 40.84 -21.38
C LEU B 284 -1.27 41.75 -20.71
N ASP B 285 -1.53 43.05 -20.71
CA ASP B 285 -0.61 44.01 -20.10
C ASP B 285 -0.69 43.96 -18.57
N PRO B 286 0.42 43.59 -17.91
CA PRO B 286 0.48 43.51 -16.45
C PRO B 286 0.08 44.80 -15.74
N ALA B 287 0.35 45.94 -16.38
CA ALA B 287 0.01 47.24 -15.79
C ALA B 287 -1.48 47.42 -15.50
N LEU B 288 -2.31 46.61 -16.14
CA LEU B 288 -3.75 46.70 -15.92
C LEU B 288 -4.14 46.38 -14.48
N ALA B 289 -3.36 45.52 -13.82
CA ALA B 289 -3.66 45.13 -12.45
C ALA B 289 -3.66 46.34 -11.51
N ARG B 290 -2.55 47.07 -11.46
CA ARG B 290 -2.48 48.23 -10.58
C ARG B 290 -3.54 49.26 -10.95
N LYS B 291 -3.83 49.38 -12.25
CA LYS B 291 -4.84 50.33 -12.73
C LYS B 291 -6.23 49.97 -12.21
N ALA B 292 -6.55 48.68 -12.24
CA ALA B 292 -7.85 48.22 -11.77
C ALA B 292 -7.98 48.49 -10.28
N LEU B 293 -6.88 48.31 -9.56
CA LEU B 293 -6.88 48.52 -8.13
C LEU B 293 -7.01 50.00 -7.74
N GLU B 294 -6.07 50.81 -8.20
CA GLU B 294 -6.06 52.23 -7.87
C GLU B 294 -7.22 53.05 -8.43
N GLY B 295 -7.78 52.61 -9.55
CA GLY B 295 -8.89 53.32 -10.15
C GLY B 295 -10.23 53.01 -9.52
N GLY B 296 -10.29 51.93 -8.73
CA GLY B 296 -11.53 51.55 -8.08
C GLY B 296 -12.35 50.48 -8.79
N ALA B 297 -11.91 50.07 -9.97
CA ALA B 297 -12.65 49.05 -10.72
C ALA B 297 -12.71 47.71 -9.97
N ALA B 298 -11.64 47.37 -9.26
CA ALA B 298 -11.61 46.11 -8.52
C ALA B 298 -12.63 46.14 -7.39
N LEU B 299 -12.77 47.29 -6.71
CA LEU B 299 -13.74 47.41 -5.63
C LEU B 299 -15.16 47.26 -6.17
N GLU B 300 -15.44 47.90 -7.30
CA GLU B 300 -16.77 47.80 -7.90
C GLU B 300 -17.04 46.36 -8.32
N LYS B 301 -16.00 45.69 -8.85
CA LYS B 301 -16.14 44.30 -9.27
C LYS B 301 -16.45 43.39 -8.08
N PHE B 302 -15.75 43.62 -6.97
CA PHE B 302 -15.97 42.81 -5.77
C PHE B 302 -17.41 43.02 -5.29
N ARG B 303 -17.87 44.27 -5.32
CA ARG B 303 -19.22 44.58 -4.88
C ARG B 303 -20.27 43.90 -5.76
N ALA B 304 -20.05 43.88 -7.07
CA ALA B 304 -20.97 43.25 -8.00
C ALA B 304 -21.02 41.73 -7.77
N PHE B 305 -19.85 41.17 -7.47
CA PHE B 305 -19.73 39.73 -7.20
C PHE B 305 -20.48 39.38 -5.91
N LEU B 306 -20.36 40.21 -4.87
CA LEU B 306 -21.06 39.93 -3.63
C LEU B 306 -22.57 39.92 -3.87
N GLU B 307 -23.04 40.91 -4.61
CA GLU B 307 -24.46 41.02 -4.91
C GLU B 307 -24.97 39.88 -5.78
N ALA B 308 -24.18 39.50 -6.77
CA ALA B 308 -24.57 38.42 -7.67
C ALA B 308 -24.78 37.10 -6.93
N GLN B 309 -24.07 36.89 -5.82
CA GLN B 309 -24.23 35.64 -5.09
C GLN B 309 -25.06 35.72 -3.82
N GLY B 310 -25.95 36.72 -3.76
CA GLY B 310 -26.85 36.84 -2.63
C GLY B 310 -26.47 37.75 -1.48
N GLY B 311 -25.23 38.24 -1.48
CA GLY B 311 -24.80 39.11 -0.40
C GLY B 311 -25.32 40.54 -0.48
N ASP B 312 -25.33 41.21 0.67
CA ASP B 312 -25.78 42.61 0.74
C ASP B 312 -24.58 43.46 0.34
N PRO B 313 -24.59 44.02 -0.88
CA PRO B 313 -23.47 44.85 -1.35
C PRO B 313 -23.18 46.06 -0.47
N ARG B 314 -24.15 46.45 0.35
CA ARG B 314 -23.96 47.58 1.23
C ARG B 314 -22.88 47.29 2.27
N ALA B 315 -22.52 46.01 2.40
CA ALA B 315 -21.48 45.60 3.34
C ALA B 315 -20.19 46.32 2.98
N VAL B 316 -20.03 46.67 1.71
CA VAL B 316 -18.83 47.36 1.26
C VAL B 316 -18.69 48.75 1.89
N GLU B 317 -19.82 49.41 2.12
CA GLU B 317 -19.80 50.76 2.71
C GLU B 317 -20.17 50.79 4.20
N ASP B 318 -20.84 49.76 4.69
CA ASP B 318 -21.26 49.70 6.09
C ASP B 318 -20.80 48.42 6.80
N PHE B 319 -19.70 48.53 7.54
CA PHE B 319 -19.16 47.38 8.26
C PHE B 319 -20.01 46.88 9.42
N SER B 320 -21.12 47.55 9.71
CA SER B 320 -21.99 47.08 10.77
C SER B 320 -22.63 45.79 10.27
N LEU B 321 -22.50 45.53 8.97
CA LEU B 321 -23.03 44.31 8.36
C LEU B 321 -22.01 43.18 8.48
N LEU B 322 -20.79 43.54 8.90
CA LEU B 322 -19.70 42.60 9.10
C LEU B 322 -19.23 42.82 10.55
N PRO B 323 -20.15 42.62 11.52
CA PRO B 323 -19.84 42.81 12.93
C PRO B 323 -18.75 41.95 13.55
N LEU B 324 -17.97 42.57 14.44
CA LEU B 324 -16.91 41.87 15.13
C LEU B 324 -17.34 41.67 16.58
N ALA B 325 -16.71 40.71 17.25
CA ALA B 325 -17.03 40.42 18.64
C ALA B 325 -16.35 41.40 19.60
N GLU B 326 -16.24 41.02 20.87
CA GLU B 326 -15.64 41.89 21.87
C GLU B 326 -14.13 42.05 21.69
N GLU B 327 -13.66 43.30 21.72
CA GLU B 327 -12.25 43.59 21.53
C GLU B 327 -11.42 43.50 22.81
N HIS B 328 -10.26 42.89 22.70
CA HIS B 328 -9.34 42.73 23.83
C HIS B 328 -7.92 42.90 23.31
N PRO B 329 -7.17 43.86 23.86
CA PRO B 329 -5.81 44.06 23.39
C PRO B 329 -4.78 43.14 24.02
N LEU B 330 -3.88 42.61 23.19
CA LEU B 330 -2.80 41.74 23.65
C LEU B 330 -1.59 42.66 23.74
N ARG B 331 -1.16 42.98 24.96
CA ARG B 331 -0.04 43.89 25.15
C ARG B 331 1.30 43.18 25.39
N ALA B 332 2.35 43.74 24.81
CA ALA B 332 3.70 43.19 24.92
C ALA B 332 4.20 43.20 26.36
N GLU B 333 4.78 42.08 26.78
CA GLU B 333 5.35 41.94 28.13
C GLU B 333 6.86 41.89 27.96
N ARG B 334 7.34 42.60 26.95
CA ARG B 334 8.75 42.67 26.61
C ARG B 334 8.91 43.75 25.55
N GLU B 335 10.15 44.11 25.24
CA GLU B 335 10.41 45.11 24.21
C GLU B 335 11.36 44.50 23.18
N GLY B 336 11.42 45.13 22.01
CA GLY B 336 12.30 44.65 20.95
C GLY B 336 11.74 44.91 19.57
N VAL B 337 12.16 44.10 18.60
CA VAL B 337 11.70 44.24 17.23
C VAL B 337 11.04 42.92 16.84
N VAL B 338 9.87 42.97 16.22
CA VAL B 338 9.21 41.73 15.81
C VAL B 338 9.99 41.07 14.69
N ARG B 339 10.31 39.78 14.86
CA ARG B 339 11.05 39.02 13.85
C ARG B 339 10.11 38.05 13.14
N GLU B 340 9.09 37.59 13.84
CA GLU B 340 8.14 36.65 13.26
C GLU B 340 6.83 36.59 14.02
N VAL B 341 5.77 36.27 13.29
CA VAL B 341 4.45 36.08 13.89
C VAL B 341 3.98 34.78 13.25
N ASP B 342 4.17 33.69 13.98
CA ASP B 342 3.82 32.34 13.52
C ASP B 342 2.37 32.24 13.08
N ALA B 343 2.14 32.15 11.77
CA ALA B 343 0.79 32.08 11.23
C ALA B 343 0.02 30.86 11.71
N TYR B 344 0.73 29.77 11.99
CA TYR B 344 0.08 28.56 12.45
C TYR B 344 -0.50 28.79 13.84
N LYS B 345 0.30 29.41 14.70
CA LYS B 345 -0.14 29.68 16.06
C LYS B 345 -1.24 30.73 16.08
N VAL B 346 -1.20 31.68 15.14
CA VAL B 346 -2.26 32.68 15.08
C VAL B 346 -3.53 31.92 14.70
N GLY B 347 -3.39 30.93 13.81
CA GLY B 347 -4.53 30.15 13.39
C GLY B 347 -5.13 29.36 14.54
N LEU B 348 -4.27 28.86 15.43
CA LEU B 348 -4.74 28.11 16.59
C LEU B 348 -5.48 29.04 17.53
N ALA B 349 -5.07 30.29 17.55
CA ALA B 349 -5.71 31.29 18.39
C ALA B 349 -7.12 31.53 17.88
N VAL B 350 -7.26 31.72 16.58
CA VAL B 350 -8.58 31.95 15.99
C VAL B 350 -9.45 30.72 16.19
N LEU B 351 -8.86 29.53 16.10
CA LEU B 351 -9.59 28.29 16.32
C LEU B 351 -10.13 28.24 17.76
N ALA B 352 -9.29 28.63 18.71
CA ALA B 352 -9.67 28.62 20.12
C ALA B 352 -10.86 29.56 20.37
N LEU B 353 -10.89 30.67 19.65
CA LEU B 353 -11.97 31.66 19.78
C LEU B 353 -13.26 31.19 19.13
N GLY B 354 -13.18 30.14 18.31
CA GLY B 354 -14.35 29.63 17.63
C GLY B 354 -14.47 30.09 16.18
N GLY B 355 -13.40 30.71 15.69
CA GLY B 355 -13.37 31.22 14.32
C GLY B 355 -12.93 30.16 13.31
N GLY B 356 -12.60 28.99 13.83
CA GLY B 356 -12.18 27.89 12.99
C GLY B 356 -12.94 26.66 13.47
N ARG B 357 -12.89 25.58 12.69
CA ARG B 357 -13.59 24.36 13.08
C ARG B 357 -12.63 23.21 13.40
N LYS B 358 -12.97 22.46 14.44
CA LYS B 358 -12.17 21.31 14.86
C LYS B 358 -12.36 20.16 13.88
N ARG B 359 -13.57 20.02 13.37
CA ARG B 359 -13.89 18.94 12.44
C ARG B 359 -14.64 19.43 11.22
N LYS B 360 -14.46 18.73 10.11
CA LYS B 360 -15.10 19.08 8.86
C LYS B 360 -16.61 19.21 9.03
N GLY B 361 -17.17 20.29 8.50
CA GLY B 361 -18.62 20.49 8.59
C GLY B 361 -19.18 21.26 9.77
N GLU B 362 -18.42 21.44 10.83
CA GLU B 362 -18.92 22.17 12.00
C GLU B 362 -19.01 23.66 11.70
N PRO B 363 -20.00 24.36 12.29
CA PRO B 363 -20.15 25.79 12.05
C PRO B 363 -19.08 26.60 12.77
N ILE B 364 -18.83 27.82 12.28
CA ILE B 364 -17.85 28.69 12.91
C ILE B 364 -18.50 30.03 13.24
N ASP B 365 -17.79 30.83 14.03
CA ASP B 365 -18.25 32.15 14.45
C ASP B 365 -17.51 33.15 13.56
N HIS B 366 -18.25 33.88 12.72
CA HIS B 366 -17.63 34.84 11.79
C HIS B 366 -17.10 36.12 12.42
N GLY B 367 -17.52 36.41 13.65
CA GLY B 367 -17.11 37.65 14.28
C GLY B 367 -15.86 37.66 15.14
N VAL B 368 -15.29 36.49 15.41
CA VAL B 368 -14.08 36.44 16.22
C VAL B 368 -12.85 36.48 15.34
N GLY B 369 -11.71 36.80 15.93
CA GLY B 369 -10.51 36.87 15.14
C GLY B 369 -9.40 37.66 15.77
N VAL B 370 -8.37 37.92 14.98
CA VAL B 370 -7.21 38.67 15.47
C VAL B 370 -6.84 39.75 14.47
N TYR B 371 -6.38 40.88 14.99
CA TYR B 371 -5.94 41.97 14.13
C TYR B 371 -4.51 42.30 14.60
N LEU B 372 -3.53 41.97 13.76
CA LEU B 372 -2.13 42.19 14.09
C LEU B 372 -1.69 43.64 13.93
N LEU B 373 -1.29 44.27 15.04
CA LEU B 373 -0.85 45.65 15.02
C LEU B 373 0.65 45.77 14.78
N LYS B 374 1.39 44.74 15.16
CA LYS B 374 2.84 44.70 14.98
C LYS B 374 3.21 43.56 14.05
N LYS B 375 4.02 43.89 13.04
CA LYS B 375 4.46 42.91 12.04
C LYS B 375 6.00 42.88 12.02
N PRO B 376 6.59 41.86 11.36
CA PRO B 376 8.05 41.76 11.29
C PRO B 376 8.72 43.07 10.89
N GLY B 377 9.69 43.50 11.70
CA GLY B 377 10.38 44.74 11.41
C GLY B 377 9.92 45.88 12.30
N ASP B 378 8.74 45.75 12.88
CA ASP B 378 8.20 46.79 13.76
C ASP B 378 8.83 46.79 15.16
N ARG B 379 9.07 47.98 15.68
CA ARG B 379 9.63 48.11 17.02
C ARG B 379 8.48 47.99 18.01
N VAL B 380 8.72 47.30 19.13
CA VAL B 380 7.70 47.11 20.15
C VAL B 380 8.22 47.55 21.53
N GLU B 381 7.44 48.40 22.20
CA GLU B 381 7.80 48.85 23.52
C GLU B 381 6.92 48.12 24.53
N ARG B 382 7.47 47.83 25.70
CA ARG B 382 6.72 47.13 26.75
C ARG B 382 5.37 47.80 26.97
N GLY B 383 4.32 46.99 27.09
CA GLY B 383 2.98 47.54 27.30
C GLY B 383 2.24 47.95 26.05
N GLU B 384 2.94 47.98 24.92
CA GLU B 384 2.34 48.36 23.65
C GLU B 384 1.48 47.21 23.11
N ALA B 385 0.38 47.56 22.44
CA ALA B 385 -0.51 46.53 21.90
C ALA B 385 0.09 45.86 20.68
N LEU B 386 0.28 44.55 20.79
CA LEU B 386 0.82 43.74 19.69
C LEU B 386 -0.29 43.38 18.70
N ALA B 387 -1.48 43.16 19.24
CA ALA B 387 -2.62 42.79 18.41
C ALA B 387 -3.92 42.96 19.17
N LEU B 388 -5.02 42.98 18.41
CA LEU B 388 -6.34 43.10 19.00
C LEU B 388 -7.01 41.75 18.82
N VAL B 389 -7.70 41.29 19.87
CA VAL B 389 -8.37 40.00 19.83
C VAL B 389 -9.87 40.20 19.96
N TYR B 390 -10.63 39.61 19.03
CA TYR B 390 -12.08 39.72 19.05
C TYR B 390 -12.62 38.38 19.49
N HIS B 391 -13.27 38.39 20.65
CA HIS B 391 -13.75 37.15 21.23
C HIS B 391 -15.19 37.25 21.71
N ARG B 392 -15.77 36.09 21.94
CA ARG B 392 -17.13 36.02 22.43
C ARG B 392 -17.09 35.30 23.78
N ARG B 393 -16.14 35.74 24.60
CA ARG B 393 -15.94 35.20 25.95
C ARG B 393 -15.80 33.69 25.99
N ARG B 394 -15.09 33.14 25.00
CA ARG B 394 -14.85 31.71 24.93
C ARG B 394 -13.45 31.47 24.37
N GLY B 395 -12.66 30.67 25.09
CA GLY B 395 -11.30 30.38 24.66
C GLY B 395 -10.34 31.54 24.62
N LEU B 396 -10.71 32.67 25.23
CA LEU B 396 -9.85 33.86 25.23
C LEU B 396 -8.48 33.64 25.85
N GLU B 397 -8.46 32.98 27.01
CA GLU B 397 -7.20 32.73 27.69
C GLU B 397 -6.28 31.90 26.80
N GLU B 398 -6.83 30.84 26.23
CA GLU B 398 -6.08 29.95 25.35
C GLU B 398 -5.59 30.70 24.11
N ALA B 399 -6.47 31.52 23.56
CA ALA B 399 -6.13 32.29 22.36
C ALA B 399 -4.98 33.24 22.61
N LEU B 400 -5.01 33.94 23.74
CA LEU B 400 -3.96 34.88 24.09
C LEU B 400 -2.64 34.13 24.26
N GLY B 401 -2.72 32.89 24.75
CA GLY B 401 -1.54 32.08 24.94
C GLY B 401 -0.88 31.75 23.62
N HIS B 402 -1.69 31.34 22.64
CA HIS B 402 -1.18 31.00 21.31
C HIS B 402 -0.59 32.23 20.64
N LEU B 403 -1.25 33.38 20.81
CA LEU B 403 -0.78 34.62 20.22
C LEU B 403 0.55 35.11 20.78
N ARG B 404 0.74 34.99 22.09
CA ARG B 404 2.00 35.43 22.67
C ARG B 404 3.12 34.54 22.15
N GLU B 405 2.85 33.25 22.02
CA GLU B 405 3.84 32.31 21.51
C GLU B 405 4.13 32.59 20.04
N ALA B 406 3.10 33.01 19.32
CA ALA B 406 3.25 33.31 17.89
C ALA B 406 4.28 34.41 17.67
N TYR B 407 4.26 35.42 18.54
CA TYR B 407 5.19 36.53 18.41
C TYR B 407 6.60 36.23 18.87
N ALA B 408 7.56 36.45 17.98
CA ALA B 408 8.96 36.25 18.28
C ALA B 408 9.64 37.60 18.12
N LEU B 409 10.16 38.14 19.22
CA LEU B 409 10.85 39.43 19.19
C LEU B 409 12.34 39.25 19.40
N GLY B 410 13.10 40.23 18.94
CA GLY B 410 14.55 40.19 19.08
C GLY B 410 15.12 41.59 19.11
N GLU B 411 16.44 41.71 19.11
CA GLU B 411 17.09 43.00 19.12
C GLU B 411 17.01 43.67 17.76
N GLU B 412 16.93 42.85 16.71
CA GLU B 412 16.84 43.36 15.35
C GLU B 412 16.08 42.37 14.46
N ALA B 413 15.66 42.84 13.30
CA ALA B 413 14.93 42.00 12.36
C ALA B 413 15.31 42.39 10.94
N HIS B 414 15.28 41.40 10.04
CA HIS B 414 15.61 41.64 8.63
C HIS B 414 14.64 40.78 7.81
N PRO B 415 13.39 41.24 7.67
CA PRO B 415 12.35 40.53 6.91
C PRO B 415 12.76 40.17 5.48
N ALA B 416 12.48 38.92 5.10
CA ALA B 416 12.78 38.45 3.76
C ALA B 416 11.73 38.98 2.79
N PRO B 417 12.04 39.01 1.49
CA PRO B 417 11.06 39.50 0.52
C PRO B 417 9.77 38.71 0.67
N LEU B 418 8.65 39.32 0.32
CA LEU B 418 7.36 38.63 0.42
C LEU B 418 7.24 37.51 -0.60
N VAL B 419 7.92 37.65 -1.73
CA VAL B 419 7.92 36.63 -2.78
C VAL B 419 9.37 36.19 -2.95
N LEU B 420 9.62 34.92 -2.65
CA LEU B 420 10.99 34.38 -2.71
C LEU B 420 11.55 34.13 -4.10
N GLU B 421 10.75 33.57 -4.99
CA GLU B 421 11.20 33.25 -6.34
C GLU B 421 10.02 32.87 -7.21
N ALA B 422 10.29 32.72 -8.50
CA ALA B 422 9.26 32.34 -9.45
C ALA B 422 9.70 31.08 -10.18
N ILE B 423 8.74 30.25 -10.53
CA ILE B 423 8.97 29.02 -11.29
C ILE B 423 7.80 28.73 -12.23
#